data_4YJD
#
_entry.id   4YJD
#
_cell.length_a   68.876
_cell.length_b   91.703
_cell.length_c   110.160
_cell.angle_alpha   90.00
_cell.angle_beta   90.00
_cell.angle_gamma   90.00
#
_symmetry.space_group_name_H-M   'P 21 21 21'
#
loop_
_entity.id
_entity.type
_entity.pdbx_description
1 polymer 'D-amino-acid oxidase'
2 non-polymer 'FLAVIN-ADENINE DINUCLEOTIDE'
3 non-polymer 'SULFATE ION'
4 water water
#
_entity_poly.entity_id   1
_entity_poly.type   'polypeptide(L)'
_entity_poly.pdbx_seq_one_letter_code
;MRVVVIGAGVIGLSTALCIHERYHSVLQPLDVKVYADRFTPFTTTDVAAGLWQPYTSEPSNPQEANWNQQTFNYLLSHIG
SPNAANMGLTPVSGYNLFREAVPDPYWKDMVLGFRKLTPRELDMFPDYRYGWFNTSLILEGRKYLQWLTERLTERGVKFF
LRKVESFEEVARGGADVIINCTGVWAGVLQPDPLLQPGRGQIIKVDAPWLKNFIITHDLERGIYNSPLIIPGLQAVTLGG
TFQVGNWNEINNIQDHNTIWEGCCRLEPTLKDAKIVGEYTGFGPVRPQVRLEREQLRFGSSNTEVIHNYGHGGYGLTIHW
GCALEVAKLFGKVLEERNLLAA
;
_entity_poly.pdbx_strand_id   A,B
#
loop_
_chem_comp.id
_chem_comp.type
_chem_comp.name
_chem_comp.formula
FAD non-polymer 'FLAVIN-ADENINE DINUCLEOTIDE' 'C27 H33 N9 O15 P2'
SO4 non-polymer 'SULFATE ION' 'O4 S -2'
#
# COMPACT_ATOMS: atom_id res chain seq x y z
N MET A 1 16.64 -40.90 -5.72
CA MET A 1 17.80 -41.22 -4.87
C MET A 1 17.57 -40.60 -3.48
N ARG A 2 18.62 -40.48 -2.68
CA ARG A 2 18.46 -39.93 -1.35
C ARG A 2 19.06 -38.53 -1.36
N VAL A 3 18.23 -37.53 -1.09
CA VAL A 3 18.70 -36.15 -1.09
C VAL A 3 18.48 -35.56 0.29
N VAL A 4 19.53 -34.96 0.83
CA VAL A 4 19.41 -34.23 2.07
C VAL A 4 19.70 -32.77 1.74
N VAL A 5 18.70 -31.91 1.96
CA VAL A 5 18.87 -30.49 1.90
C VAL A 5 19.22 -30.01 3.30
N ILE A 6 20.35 -29.33 3.44
CA ILE A 6 20.68 -28.65 4.72
C ILE A 6 20.32 -27.18 4.69
N GLY A 7 19.34 -26.79 5.49
CA GLY A 7 18.88 -25.40 5.57
C GLY A 7 17.37 -25.31 5.37
N ALA A 8 16.68 -24.64 6.28
CA ALA A 8 15.25 -24.38 6.11
C ALA A 8 14.95 -22.89 5.99
N GLY A 9 15.91 -22.11 5.52
CA GLY A 9 15.63 -20.73 5.13
C GLY A 9 15.01 -20.74 3.75
N VAL A 10 14.86 -19.55 3.16
CA VAL A 10 14.23 -19.46 1.87
C VAL A 10 14.98 -20.30 0.82
N ILE A 11 16.28 -20.30 0.88
CA ILE A 11 17.08 -20.96 -0.13
C ILE A 11 16.93 -22.48 -0.05
N GLY A 12 17.11 -23.00 1.15
CA GLY A 12 16.88 -24.43 1.46
C GLY A 12 15.53 -24.95 1.00
N LEU A 13 14.46 -24.33 1.45
CA LEU A 13 13.13 -24.85 1.15
C LEU A 13 12.68 -24.60 -0.32
N SER A 14 13.11 -23.48 -0.88
CA SER A 14 12.94 -23.21 -2.32
C SER A 14 13.49 -24.36 -3.11
N THR A 15 14.74 -24.68 -2.82
CA THR A 15 15.51 -25.61 -3.62
C THR A 15 14.87 -27.01 -3.46
N ALA A 16 14.47 -27.34 -2.23
CA ALA A 16 13.91 -28.64 -1.97
C ALA A 16 12.63 -28.77 -2.78
N LEU A 17 11.77 -27.78 -2.74
CA LEU A 17 10.53 -27.87 -3.48
C LEU A 17 10.78 -27.96 -4.98
N CYS A 18 11.74 -27.20 -5.49
CA CYS A 18 11.99 -27.16 -6.94
C CYS A 18 12.53 -28.51 -7.42
N ILE A 19 13.41 -29.12 -6.64
CA ILE A 19 13.95 -30.41 -7.02
C ILE A 19 12.78 -31.40 -7.01
N HIS A 20 12.03 -31.43 -5.91
CA HIS A 20 10.98 -32.43 -5.77
C HIS A 20 9.96 -32.34 -6.88
N GLU A 21 9.57 -31.12 -7.23
CA GLU A 21 8.58 -30.91 -8.30
C GLU A 21 9.11 -31.34 -9.65
N ARG A 22 10.41 -31.22 -9.87
CA ARG A 22 10.91 -31.47 -11.21
C ARG A 22 11.16 -32.98 -11.41
N TYR A 23 11.56 -33.67 -10.35
CA TYR A 23 12.06 -35.02 -10.46
C TYR A 23 11.22 -36.09 -9.76
N HIS A 24 10.10 -35.71 -9.12
CA HIS A 24 9.19 -36.68 -8.46
C HIS A 24 8.74 -37.74 -9.45
N SER A 25 8.39 -37.32 -10.65
CA SER A 25 7.70 -38.17 -11.59
C SER A 25 8.68 -39.04 -12.38
N VAL A 26 9.98 -38.74 -12.31
CA VAL A 26 10.97 -39.52 -13.05
C VAL A 26 11.87 -40.42 -12.19
N LEU A 27 11.84 -40.29 -10.88
CA LEU A 27 12.69 -41.12 -10.01
C LEU A 27 11.87 -41.96 -9.09
N GLN A 28 12.39 -43.15 -8.78
CA GLN A 28 11.75 -44.03 -7.81
C GLN A 28 12.81 -44.89 -7.10
N PRO A 29 13.02 -44.64 -5.81
CA PRO A 29 12.24 -43.66 -5.08
C PRO A 29 12.89 -42.30 -5.22
N LEU A 30 12.24 -41.28 -4.68
CA LEU A 30 12.92 -40.00 -4.44
C LEU A 30 12.68 -39.59 -3.01
N ASP A 31 13.71 -39.76 -2.20
CA ASP A 31 13.65 -39.52 -0.77
C ASP A 31 14.36 -38.18 -0.53
N VAL A 32 13.56 -37.14 -0.31
CA VAL A 32 14.11 -35.85 0.01
C VAL A 32 13.84 -35.48 1.45
N LYS A 33 14.89 -35.10 2.16
CA LYS A 33 14.78 -34.67 3.53
C LYS A 33 15.42 -33.31 3.69
N VAL A 34 14.84 -32.50 4.58
CA VAL A 34 15.45 -31.26 5.09
C VAL A 34 15.95 -31.46 6.53
N TYR A 35 17.23 -31.15 6.73
CA TYR A 35 17.81 -31.01 8.05
C TYR A 35 18.12 -29.52 8.29
N ALA A 36 17.73 -28.98 9.46
CA ALA A 36 18.16 -27.66 9.90
C ALA A 36 18.18 -27.55 11.43
N ASP A 37 19.00 -26.66 11.95
CA ASP A 37 19.02 -26.37 13.37
C ASP A 37 18.20 -25.10 13.76
N ARG A 38 17.69 -24.35 12.78
CA ARG A 38 16.56 -23.40 13.02
C ARG A 38 15.55 -23.37 11.91
N PHE A 39 14.29 -23.24 12.32
CA PHE A 39 13.16 -23.15 11.41
C PHE A 39 12.42 -21.87 11.70
N THR A 40 11.59 -21.39 10.77
CA THR A 40 10.73 -20.22 11.03
C THR A 40 10.05 -20.31 12.39
N PRO A 41 10.02 -19.20 13.12
CA PRO A 41 10.47 -17.88 12.69
C PRO A 41 11.90 -17.53 13.04
N PHE A 42 12.77 -18.52 13.22
CA PHE A 42 14.14 -18.23 13.74
C PHE A 42 15.28 -18.20 12.71
N THR A 43 14.95 -18.05 11.43
CA THR A 43 16.00 -17.90 10.42
C THR A 43 16.16 -16.45 10.04
N THR A 44 17.31 -16.13 9.44
CA THR A 44 17.57 -14.82 8.85
C THR A 44 16.46 -14.39 7.92
N THR A 45 16.00 -15.34 7.12
CA THR A 45 14.88 -15.13 6.23
C THR A 45 13.68 -14.49 6.92
N ASP A 46 13.38 -14.92 8.16
CA ASP A 46 12.21 -14.38 8.89
C ASP A 46 12.32 -12.93 9.24
N VAL A 47 13.52 -12.43 9.17
CA VAL A 47 13.85 -11.13 9.70
C VAL A 47 14.09 -10.19 8.50
N ALA A 48 14.02 -10.72 7.28
CA ALA A 48 14.26 -9.93 6.07
C ALA A 48 13.18 -8.86 5.96
N ALA A 49 13.49 -7.79 5.24
CA ALA A 49 12.58 -6.65 5.12
C ALA A 49 11.34 -7.05 4.34
N GLY A 50 11.52 -7.97 3.39
CA GLY A 50 10.41 -8.53 2.64
C GLY A 50 10.12 -7.82 1.33
N LEU A 51 11.14 -7.30 0.65
CA LEU A 51 10.92 -6.64 -0.65
C LEU A 51 11.71 -7.30 -1.74
N TRP A 52 11.12 -7.37 -2.93
CA TRP A 52 11.91 -7.70 -4.12
C TRP A 52 12.62 -6.48 -4.65
N GLN A 53 13.94 -6.45 -4.51
CA GLN A 53 14.77 -5.47 -5.15
C GLN A 53 16.24 -5.86 -5.04
N PRO A 54 16.93 -6.02 -6.18
CA PRO A 54 18.39 -6.24 -6.19
C PRO A 54 19.21 -5.05 -5.68
N TYR A 55 20.51 -5.26 -5.48
CA TYR A 55 21.47 -4.15 -5.25
C TYR A 55 21.40 -3.15 -6.41
N THR A 56 21.78 -1.92 -6.16
CA THR A 56 21.72 -0.86 -7.19
C THR A 56 22.77 -1.01 -8.30
N SER A 57 23.86 -1.72 -8.01
CA SER A 57 24.98 -1.87 -8.95
C SER A 57 24.94 -3.26 -9.57
N GLU A 58 25.46 -3.40 -10.78
CA GLU A 58 25.51 -4.70 -11.45
C GLU A 58 26.24 -5.74 -10.58
N PRO A 59 25.81 -6.99 -10.65
CA PRO A 59 26.55 -8.03 -9.89
C PRO A 59 27.74 -8.62 -10.64
N SER A 60 28.76 -9.00 -9.87
CA SER A 60 29.94 -9.76 -10.31
C SER A 60 29.72 -10.95 -11.24
N ASN A 61 28.85 -11.86 -10.78
CA ASN A 61 28.27 -12.88 -11.62
C ASN A 61 26.99 -12.38 -12.34
N PRO A 62 27.07 -12.15 -13.67
CA PRO A 62 25.93 -11.68 -14.42
C PRO A 62 24.79 -12.70 -14.42
N GLN A 63 25.12 -13.97 -14.14
CA GLN A 63 24.06 -14.99 -13.99
C GLN A 63 23.06 -14.56 -12.94
N GLU A 64 23.51 -13.78 -11.97
CA GLU A 64 22.63 -13.43 -10.87
C GLU A 64 21.46 -12.60 -11.38
N ALA A 65 21.68 -11.88 -12.48
CA ALA A 65 20.65 -11.02 -13.02
C ALA A 65 19.47 -11.80 -13.60
N ASN A 66 19.76 -12.81 -14.40
CA ASN A 66 18.72 -13.69 -14.83
C ASN A 66 18.04 -14.37 -13.67
N TRP A 67 18.79 -14.74 -12.63
CA TRP A 67 18.21 -15.42 -11.48
C TRP A 67 17.21 -14.55 -10.75
N ASN A 68 17.55 -13.27 -10.63
CA ASN A 68 16.62 -12.28 -10.06
C ASN A 68 15.42 -12.12 -10.95
N GLN A 69 15.66 -12.06 -12.26
CA GLN A 69 14.58 -11.89 -13.20
C GLN A 69 13.63 -13.06 -13.18
N GLN A 70 14.16 -14.26 -13.26
CA GLN A 70 13.29 -15.46 -13.19
C GLN A 70 12.50 -15.44 -11.90
N THR A 71 13.09 -14.90 -10.83
CA THR A 71 12.40 -14.94 -9.53
C THR A 71 11.21 -14.01 -9.64
N PHE A 72 11.43 -12.83 -10.21
CA PHE A 72 10.34 -11.88 -10.33
C PHE A 72 9.18 -12.44 -11.14
N ASN A 73 9.46 -13.02 -12.30
CA ASN A 73 8.41 -13.51 -13.21
C ASN A 73 7.69 -14.67 -12.60
N TYR A 74 8.44 -15.52 -11.94
CA TYR A 74 7.82 -16.59 -11.19
C TYR A 74 6.80 -15.98 -10.21
N LEU A 75 7.23 -14.99 -9.43
CA LEU A 75 6.42 -14.51 -8.31
C LEU A 75 5.27 -13.76 -8.89
N LEU A 76 5.57 -12.94 -9.87
CA LEU A 76 4.55 -12.12 -10.51
C LEU A 76 3.43 -12.99 -11.05
N SER A 77 3.78 -14.17 -11.57
CA SER A 77 2.81 -15.03 -12.24
C SER A 77 1.78 -15.55 -11.25
N HIS A 78 2.08 -15.45 -9.96
CA HIS A 78 1.12 -15.84 -8.93
C HIS A 78 0.12 -14.74 -8.61
N ILE A 79 0.32 -13.53 -9.14
CA ILE A 79 -0.57 -12.43 -8.78
C ILE A 79 -1.88 -12.51 -9.60
N GLY A 80 -3.01 -12.61 -8.91
CA GLY A 80 -4.29 -12.97 -9.49
C GLY A 80 -4.72 -14.37 -9.09
N SER A 81 -3.84 -15.08 -8.37
CA SER A 81 -4.18 -16.35 -7.77
C SER A 81 -4.78 -16.21 -6.40
N PRO A 82 -5.68 -17.12 -6.05
CA PRO A 82 -6.29 -17.02 -4.74
C PRO A 82 -5.31 -17.07 -3.58
N ASN A 83 -4.17 -17.73 -3.76
CA ASN A 83 -3.22 -17.93 -2.67
C ASN A 83 -2.01 -16.99 -2.60
N ALA A 84 -1.96 -15.96 -3.42
CA ALA A 84 -0.75 -15.16 -3.47
C ALA A 84 -0.37 -14.62 -2.08
N ALA A 85 -1.33 -14.05 -1.38
CA ALA A 85 -1.08 -13.54 -0.02
C ALA A 85 -0.76 -14.58 1.07
N ASN A 86 -1.33 -15.77 0.98
CA ASN A 86 -0.93 -16.84 1.90
C ASN A 86 0.53 -17.29 1.69
N MET A 87 1.08 -17.01 0.53
CA MET A 87 2.45 -17.30 0.23
C MET A 87 3.39 -16.21 0.78
N GLY A 88 2.85 -15.10 1.25
CA GLY A 88 3.68 -13.94 1.67
C GLY A 88 3.85 -12.86 0.59
N LEU A 89 3.04 -12.94 -0.44
CA LEU A 89 3.27 -12.22 -1.69
C LEU A 89 2.15 -11.26 -1.95
N THR A 90 2.48 -10.00 -2.22
CA THR A 90 1.48 -9.02 -2.65
C THR A 90 2.24 -7.92 -3.34
N PRO A 91 1.61 -7.25 -4.32
CA PRO A 91 2.29 -6.16 -5.03
C PRO A 91 2.40 -4.96 -4.10
N VAL A 92 3.43 -4.13 -4.30
CA VAL A 92 3.58 -2.80 -3.60
C VAL A 92 4.34 -1.85 -4.51
N SER A 93 4.13 -0.57 -4.30
CA SER A 93 4.82 0.45 -5.07
C SER A 93 5.68 1.30 -4.13
N GLY A 94 6.68 2.02 -4.68
CA GLY A 94 7.52 2.80 -3.83
C GLY A 94 8.68 3.52 -4.48
N TYR A 95 9.53 4.04 -3.60
CA TYR A 95 10.41 5.14 -3.95
C TYR A 95 11.81 4.73 -3.55
N ASN A 96 12.75 5.00 -4.44
CA ASN A 96 14.18 4.99 -4.13
C ASN A 96 14.77 6.40 -4.22
N LEU A 97 15.42 6.85 -3.16
CA LEU A 97 15.72 8.26 -3.01
C LEU A 97 17.22 8.47 -2.90
N PHE A 98 17.71 9.44 -3.67
CA PHE A 98 19.15 9.70 -3.77
C PHE A 98 19.42 11.21 -3.62
N ARG A 99 20.59 11.56 -3.11
CA ARG A 99 20.99 12.95 -2.96
C ARG A 99 21.65 13.48 -4.23
N GLU A 100 21.89 12.63 -5.22
CA GLU A 100 22.36 13.08 -6.52
C GLU A 100 21.95 12.14 -7.64
N ALA A 101 22.12 12.61 -8.87
CA ALA A 101 21.76 11.82 -10.05
C ALA A 101 22.61 10.55 -10.09
N VAL A 102 21.94 9.42 -10.39
CA VAL A 102 22.61 8.12 -10.49
C VAL A 102 22.17 7.38 -11.74
N PRO A 103 22.97 6.43 -12.21
CA PRO A 103 22.45 5.69 -13.37
C PRO A 103 21.22 4.82 -13.03
N ASP A 104 20.46 4.51 -14.06
CA ASP A 104 19.38 3.56 -13.95
C ASP A 104 19.92 2.18 -13.49
N PRO A 105 19.12 1.45 -12.71
CA PRO A 105 19.60 0.13 -12.28
C PRO A 105 19.38 -0.89 -13.37
N TYR A 106 20.16 -1.95 -13.36
CA TYR A 106 20.07 -2.97 -14.40
C TYR A 106 18.70 -3.65 -14.37
N TRP A 107 18.01 -3.54 -13.24
CA TRP A 107 16.73 -4.22 -13.05
C TRP A 107 15.51 -3.36 -13.37
N LYS A 108 15.72 -2.18 -13.94
CA LYS A 108 14.64 -1.21 -14.22
C LYS A 108 13.49 -1.77 -15.05
N ASP A 109 13.76 -2.69 -15.97
CA ASP A 109 12.70 -3.30 -16.79
C ASP A 109 12.13 -4.59 -16.20
N MET A 110 12.84 -5.21 -15.27
CA MET A 110 12.26 -6.31 -14.48
C MET A 110 11.08 -5.90 -13.61
N VAL A 111 11.23 -4.79 -12.89
CA VAL A 111 10.09 -4.26 -12.12
C VAL A 111 9.01 -3.70 -13.04
N LEU A 112 7.91 -3.24 -12.46
CA LEU A 112 6.78 -2.70 -13.21
C LEU A 112 6.80 -1.16 -13.17
N GLY A 113 6.79 -0.54 -14.34
CA GLY A 113 6.49 0.89 -14.39
C GLY A 113 7.61 1.71 -13.77
N PHE A 114 8.84 1.30 -14.01
CA PHE A 114 9.97 2.08 -13.53
C PHE A 114 9.93 3.49 -14.16
N ARG A 115 10.07 4.54 -13.34
CA ARG A 115 10.37 5.88 -13.92
C ARG A 115 11.14 6.73 -12.92
N LYS A 116 11.59 7.89 -13.37
CA LYS A 116 12.27 8.84 -12.50
C LYS A 116 11.20 9.59 -11.77
N LEU A 117 11.57 10.13 -10.62
CA LEU A 117 10.62 10.92 -9.85
C LEU A 117 10.45 12.31 -10.47
N THR A 118 9.26 12.90 -10.32
CA THR A 118 8.99 14.29 -10.69
C THR A 118 9.15 15.22 -9.48
N PRO A 119 9.32 16.53 -9.73
CA PRO A 119 9.61 17.50 -8.67
C PRO A 119 8.57 17.51 -7.55
N ARG A 120 7.30 17.35 -7.87
CA ARG A 120 6.23 17.26 -6.86
C ARG A 120 6.38 16.03 -6.01
N GLU A 121 6.75 14.90 -6.63
CA GLU A 121 7.05 13.68 -5.84
C GLU A 121 8.24 13.93 -4.91
N LEU A 122 9.26 14.58 -5.45
CA LEU A 122 10.43 14.93 -4.67
C LEU A 122 10.14 15.87 -3.53
N ASP A 123 9.07 16.67 -3.65
CA ASP A 123 8.66 17.52 -2.52
C ASP A 123 8.17 16.71 -1.34
N MET A 124 7.72 15.47 -1.56
CA MET A 124 7.23 14.61 -0.46
C MET A 124 8.38 14.27 0.46
N PHE A 125 9.61 14.28 -0.08
CA PHE A 125 10.81 13.81 0.61
C PHE A 125 11.92 14.90 0.63
N PRO A 126 11.83 15.83 1.56
CA PRO A 126 12.68 17.03 1.45
C PRO A 126 14.18 16.78 1.24
N ASP A 127 14.76 15.87 2.01
CA ASP A 127 16.23 15.74 2.03
C ASP A 127 16.88 15.19 0.74
N TYR A 128 16.08 14.97 -0.32
CA TYR A 128 16.54 14.18 -1.45
C TYR A 128 16.20 14.92 -2.72
N ARG A 129 16.99 14.67 -3.77
CA ARG A 129 16.96 15.50 -4.96
C ARG A 129 16.76 14.66 -6.23
N TYR A 130 16.83 13.34 -6.10
CA TYR A 130 16.71 12.47 -7.28
C TYR A 130 16.20 11.07 -6.84
N GLY A 131 15.41 10.41 -7.67
CA GLY A 131 15.20 8.99 -7.50
C GLY A 131 14.23 8.35 -8.47
N TRP A 132 13.71 7.19 -8.06
CA TRP A 132 12.86 6.36 -8.92
C TRP A 132 11.52 6.08 -8.28
N PHE A 133 10.56 5.71 -9.13
CA PHE A 133 9.31 5.11 -8.70
C PHE A 133 9.22 3.78 -9.38
N ASN A 134 8.80 2.74 -8.67
CA ASN A 134 8.37 1.53 -9.35
C ASN A 134 7.41 0.69 -8.54
N THR A 135 6.79 -0.28 -9.20
CA THR A 135 6.01 -1.27 -8.49
C THR A 135 6.82 -2.58 -8.40
N SER A 136 6.81 -3.19 -7.25
CA SER A 136 7.46 -4.51 -7.08
C SER A 136 6.59 -5.41 -6.23
N LEU A 137 7.21 -6.37 -5.55
CA LEU A 137 6.47 -7.35 -4.78
C LEU A 137 7.01 -7.43 -3.37
N ILE A 138 6.12 -7.44 -2.39
CA ILE A 138 6.45 -7.91 -1.05
C ILE A 138 6.51 -9.42 -1.11
N LEU A 139 7.58 -10.02 -0.57
CA LEU A 139 7.61 -11.46 -0.26
C LEU A 139 8.01 -11.62 1.20
N GLU A 140 7.04 -11.89 2.06
CA GLU A 140 7.33 -11.94 3.46
C GLU A 140 7.97 -13.25 3.85
N GLY A 141 9.18 -13.14 4.38
CA GLY A 141 9.98 -14.28 4.73
C GLY A 141 9.20 -15.30 5.50
N ARG A 142 8.69 -14.86 6.63
CA ARG A 142 7.93 -15.63 7.59
C ARG A 142 6.81 -16.39 6.93
N LYS A 143 5.98 -15.69 6.19
CA LYS A 143 4.85 -16.35 5.56
C LYS A 143 5.30 -17.29 4.45
N TYR A 144 6.31 -16.90 3.69
CA TYR A 144 6.71 -17.73 2.53
C TYR A 144 7.31 -19.02 3.05
N LEU A 145 8.08 -18.93 4.14
CA LEU A 145 8.64 -20.12 4.74
C LEU A 145 7.52 -21.06 5.22
N GLN A 146 6.52 -20.53 5.89
CA GLN A 146 5.36 -21.35 6.25
C GLN A 146 4.66 -21.97 5.05
N TRP A 147 4.38 -21.20 4.01
CA TRP A 147 3.75 -21.78 2.83
C TRP A 147 4.61 -22.94 2.28
N LEU A 148 5.93 -22.75 2.19
CA LEU A 148 6.77 -23.75 1.54
C LEU A 148 6.84 -25.01 2.37
N THR A 149 7.02 -24.87 3.67
CA THR A 149 7.05 -26.05 4.50
C THR A 149 5.72 -26.84 4.37
N GLU A 150 4.59 -26.15 4.24
CA GLU A 150 3.31 -26.84 3.99
C GLU A 150 3.28 -27.58 2.64
N ARG A 151 3.71 -26.90 1.58
CA ARG A 151 3.73 -27.52 0.27
C ARG A 151 4.67 -28.75 0.25
N LEU A 152 5.80 -28.61 0.94
CA LEU A 152 6.83 -29.62 0.95
C LEU A 152 6.29 -30.82 1.72
N THR A 153 5.73 -30.57 2.90
CA THR A 153 5.13 -31.62 3.73
C THR A 153 4.04 -32.39 2.99
N GLU A 154 3.15 -31.69 2.29
CA GLU A 154 2.10 -32.34 1.48
C GLU A 154 2.65 -33.31 0.47
N ARG A 155 3.89 -33.08 0.04
CA ARG A 155 4.49 -33.84 -1.07
C ARG A 155 5.32 -34.99 -0.54
N GLY A 156 5.38 -35.14 0.79
CA GLY A 156 6.12 -36.25 1.40
C GLY A 156 7.57 -35.96 1.77
N VAL A 157 7.96 -34.71 1.74
CA VAL A 157 9.30 -34.33 2.15
C VAL A 157 9.35 -34.19 3.66
N LYS A 158 10.39 -34.73 4.26
CA LYS A 158 10.42 -34.86 5.72
C LYS A 158 11.43 -33.93 6.37
N PHE A 159 11.05 -33.36 7.49
CA PHE A 159 11.86 -32.33 8.16
C PHE A 159 12.41 -32.89 9.46
N PHE A 160 13.68 -32.59 9.74
CA PHE A 160 14.38 -33.06 10.91
C PHE A 160 15.15 -31.89 11.54
N LEU A 161 14.99 -31.72 12.86
CA LEU A 161 15.90 -30.95 13.71
C LEU A 161 17.23 -31.69 13.87
N ARG A 162 18.32 -31.00 13.55
CA ARG A 162 19.60 -31.66 13.30
C ARG A 162 20.58 -30.51 13.11
N LYS A 163 21.56 -30.37 14.00
CA LYS A 163 22.72 -29.54 13.69
C LYS A 163 23.78 -30.38 13.01
N VAL A 164 24.04 -30.14 11.73
CA VAL A 164 24.97 -30.97 10.98
C VAL A 164 26.39 -30.54 11.32
N GLU A 165 27.26 -31.54 11.52
CA GLU A 165 28.64 -31.30 11.95
C GLU A 165 29.61 -31.46 10.78
N SER A 166 29.25 -32.23 9.78
CA SER A 166 30.13 -32.35 8.62
C SER A 166 29.32 -32.88 7.49
N PHE A 167 29.82 -32.69 6.28
CA PHE A 167 29.24 -33.34 5.15
C PHE A 167 29.45 -34.85 5.29
N GLU A 168 30.58 -35.25 5.86
CA GLU A 168 30.90 -36.66 5.96
C GLU A 168 29.77 -37.46 6.69
N GLU A 169 29.37 -36.94 7.84
CA GLU A 169 28.28 -37.44 8.67
C GLU A 169 27.07 -37.85 7.81
N VAL A 170 26.67 -36.94 6.92
CA VAL A 170 25.41 -37.04 6.23
C VAL A 170 25.58 -37.96 5.03
N ALA A 171 26.75 -37.90 4.43
CA ALA A 171 27.07 -38.84 3.36
C ALA A 171 27.00 -40.24 3.93
N ARG A 172 27.66 -40.46 5.05
CA ARG A 172 27.75 -41.81 5.61
C ARG A 172 26.43 -42.26 6.23
N GLY A 173 25.54 -41.33 6.53
CA GLY A 173 24.15 -41.67 6.78
C GLY A 173 23.39 -42.10 5.54
N GLY A 174 24.02 -41.98 4.37
CA GLY A 174 23.47 -42.60 3.16
C GLY A 174 22.87 -41.61 2.15
N ALA A 175 23.05 -40.31 2.38
CA ALA A 175 22.66 -39.33 1.35
C ALA A 175 23.50 -39.56 0.10
N ASP A 176 22.84 -39.65 -1.05
CA ASP A 176 23.54 -39.64 -2.35
C ASP A 176 23.86 -38.22 -2.76
N VAL A 177 22.97 -37.28 -2.43
CA VAL A 177 23.17 -35.90 -2.80
C VAL A 177 22.84 -35.01 -1.64
N ILE A 178 23.74 -34.06 -1.38
CA ILE A 178 23.56 -33.07 -0.32
C ILE A 178 23.45 -31.71 -0.97
N ILE A 179 22.39 -30.96 -0.63
CA ILE A 179 22.25 -29.58 -1.06
C ILE A 179 22.56 -28.69 0.12
N ASN A 180 23.58 -27.88 -0.02
CA ASN A 180 24.09 -27.12 1.10
C ASN A 180 23.55 -25.66 1.05
N CYS A 181 22.52 -25.40 1.86
CA CYS A 181 21.83 -24.12 1.90
C CYS A 181 21.86 -23.56 3.32
N THR A 182 23.09 -23.39 3.79
CA THR A 182 23.40 -23.11 5.19
C THR A 182 23.61 -21.62 5.47
N GLY A 183 23.35 -20.78 4.48
CA GLY A 183 23.43 -19.32 4.66
C GLY A 183 24.80 -18.91 5.15
N VAL A 184 24.85 -18.07 6.17
CA VAL A 184 26.06 -17.37 6.53
C VAL A 184 26.92 -18.31 7.35
N TRP A 185 26.36 -19.42 7.79
CA TRP A 185 27.12 -20.40 8.58
C TRP A 185 27.77 -21.53 7.78
N ALA A 186 27.84 -21.40 6.46
CA ALA A 186 28.32 -22.50 5.59
C ALA A 186 29.79 -22.81 5.84
N GLY A 187 30.50 -21.80 6.35
CA GLY A 187 31.94 -21.89 6.63
C GLY A 187 32.25 -22.95 7.68
N VAL A 188 31.27 -23.20 8.54
CA VAL A 188 31.41 -24.20 9.54
C VAL A 188 31.70 -25.57 8.90
N LEU A 189 31.02 -25.90 7.81
CA LEU A 189 31.09 -27.25 7.22
C LEU A 189 32.19 -27.35 6.21
N GLN A 190 32.61 -26.18 5.70
CA GLN A 190 33.69 -26.13 4.76
C GLN A 190 34.21 -24.69 4.68
N PRO A 191 35.43 -24.46 5.18
CA PRO A 191 35.85 -23.10 5.33
C PRO A 191 35.62 -22.34 4.03
N ASP A 192 35.13 -21.12 4.14
CA ASP A 192 34.97 -20.25 2.98
C ASP A 192 35.12 -18.79 3.41
N PRO A 193 36.33 -18.23 3.25
CA PRO A 193 36.64 -16.91 3.77
C PRO A 193 36.07 -15.77 2.94
N LEU A 194 35.47 -16.08 1.80
CA LEU A 194 34.77 -15.07 1.02
C LEU A 194 33.43 -14.79 1.62
N LEU A 195 33.03 -15.60 2.61
CA LEU A 195 31.71 -15.49 3.21
C LEU A 195 31.75 -14.74 4.52
N GLN A 196 30.94 -13.69 4.63
CA GLN A 196 30.98 -12.82 5.81
C GLN A 196 29.57 -12.44 6.25
N PRO A 197 29.40 -12.14 7.54
CA PRO A 197 28.11 -11.71 8.00
C PRO A 197 27.83 -10.26 7.61
N GLY A 198 26.66 -10.03 7.04
CA GLY A 198 26.13 -8.68 6.85
C GLY A 198 25.10 -8.36 7.91
N ARG A 199 25.55 -7.73 8.97
CA ARG A 199 24.69 -7.53 10.14
C ARG A 199 23.71 -6.44 9.83
N GLY A 200 22.44 -6.81 9.86
CA GLY A 200 21.32 -5.87 9.74
C GLY A 200 20.42 -5.89 10.96
N GLN A 201 20.14 -4.69 11.47
CA GLN A 201 19.23 -4.50 12.57
C GLN A 201 18.02 -3.79 12.03
N ILE A 202 16.84 -4.17 12.54
CA ILE A 202 15.60 -3.57 12.10
C ILE A 202 14.67 -3.28 13.26
N ILE A 203 13.70 -2.39 13.04
CA ILE A 203 12.63 -2.18 14.00
C ILE A 203 11.31 -2.45 13.31
N LYS A 204 10.49 -3.31 13.89
CA LYS A 204 9.17 -3.59 13.37
C LYS A 204 8.15 -2.71 14.13
N VAL A 205 7.18 -2.19 13.40
CA VAL A 205 6.34 -1.13 13.87
C VAL A 205 4.94 -1.31 13.28
N ASP A 206 3.93 -1.05 14.09
CA ASP A 206 2.56 -0.93 13.63
C ASP A 206 2.30 0.47 13.10
N ALA A 207 2.14 0.58 11.78
CA ALA A 207 1.86 1.85 11.13
C ALA A 207 1.14 1.54 9.83
N PRO A 208 -0.10 1.03 9.92
CA PRO A 208 -0.70 0.40 8.73
C PRO A 208 -1.11 1.40 7.68
N TRP A 209 -1.01 2.69 8.00
CA TRP A 209 -1.28 3.72 7.01
C TRP A 209 -0.25 3.77 5.88
N LEU A 210 0.92 3.21 6.11
CA LEU A 210 2.02 3.31 5.14
C LEU A 210 1.89 2.21 4.05
N LYS A 211 1.65 2.62 2.81
CA LYS A 211 1.33 1.71 1.71
C LYS A 211 2.46 1.46 0.72
N ASN A 212 3.51 2.27 0.83
CA ASN A 212 4.60 2.28 -0.13
C ASN A 212 5.89 1.95 0.53
N PHE A 213 6.80 1.32 -0.19
CA PHE A 213 8.15 1.25 0.27
C PHE A 213 8.96 2.51 -0.03
N ILE A 214 9.88 2.83 0.89
CA ILE A 214 10.68 4.03 0.80
C ILE A 214 12.13 3.72 1.18
N ILE A 215 13.01 3.77 0.18
CA ILE A 215 14.39 3.40 0.37
C ILE A 215 15.35 4.52 0.03
N THR A 216 16.12 4.95 1.03
CA THR A 216 17.09 6.00 0.79
C THR A 216 18.42 5.34 0.52
N HIS A 217 19.28 6.05 -0.18
CA HIS A 217 20.64 5.57 -0.38
C HIS A 217 21.66 6.63 -0.05
N ASP A 218 22.77 6.17 0.50
CA ASP A 218 23.92 7.03 0.73
C ASP A 218 25.10 6.43 0.00
N LEU A 219 25.45 7.02 -1.14
CA LEU A 219 26.37 6.38 -2.03
C LEU A 219 27.68 6.14 -1.33
N GLU A 220 27.94 6.91 -0.27
CA GLU A 220 29.25 6.89 0.35
C GLU A 220 29.32 5.85 1.45
N ARG A 221 28.20 5.49 2.05
CA ARG A 221 28.25 4.65 3.24
C ARG A 221 27.88 3.24 2.86
N GLY A 222 27.64 2.99 1.57
CA GLY A 222 27.31 1.64 1.10
C GLY A 222 25.88 1.19 1.36
N ILE A 223 25.54 0.02 0.82
CA ILE A 223 24.14 -0.31 0.58
C ILE A 223 23.36 -0.67 1.88
N TYR A 224 22.20 -0.05 2.07
CA TYR A 224 21.31 -0.29 3.24
C TYR A 224 21.83 0.29 4.57
N ASN A 225 22.83 1.15 4.47
CA ASN A 225 23.24 2.00 5.58
C ASN A 225 22.72 3.42 5.36
N SER A 226 21.41 3.47 5.10
CA SER A 226 20.67 4.68 4.92
C SER A 226 19.24 4.29 5.25
N PRO A 227 18.40 5.25 5.64
CA PRO A 227 17.08 4.85 6.14
C PRO A 227 16.24 4.11 5.08
N LEU A 228 15.48 3.11 5.53
CA LEU A 228 14.56 2.39 4.63
C LEU A 228 13.29 1.99 5.32
N ILE A 229 12.18 2.09 4.61
CA ILE A 229 10.87 1.78 5.21
C ILE A 229 10.11 0.87 4.27
N ILE A 230 9.70 -0.29 4.78
CA ILE A 230 9.08 -1.32 3.95
C ILE A 230 7.86 -1.91 4.61
N PRO A 231 6.68 -1.53 4.10
CA PRO A 231 5.46 -2.09 4.62
C PRO A 231 5.41 -3.59 4.37
N GLY A 232 5.15 -4.34 5.42
CA GLY A 232 4.94 -5.75 5.23
C GLY A 232 3.47 -6.07 5.20
N LEU A 233 3.13 -7.36 5.15
CA LEU A 233 1.76 -7.76 5.17
C LEU A 233 0.96 -7.24 6.36
N GLN A 234 1.52 -7.18 7.56
CA GLN A 234 0.79 -6.56 8.66
C GLN A 234 1.58 -5.71 9.62
N ALA A 235 2.82 -5.48 9.31
CA ALA A 235 3.59 -4.57 10.12
C ALA A 235 4.55 -3.95 9.17
N VAL A 236 5.28 -2.95 9.65
CA VAL A 236 6.23 -2.22 8.83
C VAL A 236 7.63 -2.45 9.30
N THR A 237 8.54 -2.66 8.36
CA THR A 237 9.92 -2.82 8.69
C THR A 237 10.67 -1.51 8.48
N LEU A 238 11.46 -1.15 9.49
CA LEU A 238 12.25 0.07 9.54
C LEU A 238 13.69 -0.35 9.61
N GLY A 239 14.52 0.14 8.69
CA GLY A 239 15.88 -0.31 8.58
C GLY A 239 16.87 0.83 8.41
N GLY A 240 18.16 0.48 8.30
CA GLY A 240 19.21 1.41 7.94
C GLY A 240 20.62 1.06 8.40
N THR A 241 20.87 -0.19 8.76
CA THR A 241 22.24 -0.67 8.99
C THR A 241 22.50 -1.99 8.29
N PHE A 242 23.70 -2.14 7.75
CA PHE A 242 24.09 -3.37 7.10
C PHE A 242 25.61 -3.47 7.07
N GLN A 243 26.17 -3.99 8.16
CA GLN A 243 27.61 -3.84 8.46
C GLN A 243 28.34 -5.20 8.32
N VAL A 244 29.21 -5.35 7.31
CA VAL A 244 29.86 -6.64 7.08
C VAL A 244 30.97 -6.86 8.08
N GLY A 245 31.13 -8.11 8.50
CA GLY A 245 32.18 -8.45 9.43
C GLY A 245 31.75 -8.51 10.90
N ASN A 246 30.56 -8.00 11.21
CA ASN A 246 30.11 -7.95 12.59
C ASN A 246 29.20 -9.14 12.94
N TRP A 247 29.60 -9.92 13.95
CA TRP A 247 28.96 -11.21 14.29
C TRP A 247 28.12 -11.06 15.54
N ASN A 248 28.04 -9.83 16.03
CA ASN A 248 27.20 -9.50 17.18
C ASN A 248 25.71 -9.76 16.96
N GLU A 249 25.16 -10.76 17.62
CA GLU A 249 23.76 -11.14 17.39
C GLU A 249 22.78 -10.33 18.21
N ILE A 250 23.28 -9.53 19.15
CA ILE A 250 22.40 -8.79 20.07
C ILE A 250 22.12 -7.43 19.42
N ASN A 251 20.93 -6.89 19.70
CA ASN A 251 20.56 -5.53 19.31
C ASN A 251 21.38 -4.50 20.08
N ASN A 252 21.91 -3.48 19.41
CA ASN A 252 22.54 -2.39 20.15
C ASN A 252 21.75 -1.09 20.03
N ILE A 253 21.94 -0.25 21.03
CA ILE A 253 21.18 0.99 21.16
C ILE A 253 21.55 1.99 20.07
N GLN A 254 22.79 1.98 19.60
CA GLN A 254 23.23 2.97 18.62
C GLN A 254 22.58 2.77 17.23
N ASP A 255 22.42 1.52 16.85
CA ASP A 255 21.77 1.19 15.60
C ASP A 255 20.26 1.43 15.73
N HIS A 256 19.70 1.07 16.88
CA HIS A 256 18.34 1.47 17.21
C HIS A 256 18.10 2.98 16.92
N ASN A 257 18.95 3.83 17.47
CA ASN A 257 18.77 5.25 17.34
C ASN A 257 19.02 5.64 15.88
N THR A 258 20.10 5.14 15.28
CA THR A 258 20.31 5.41 13.86
C THR A 258 19.05 5.14 13.03
N ILE A 259 18.33 4.05 13.37
CA ILE A 259 17.20 3.59 12.55
C ILE A 259 15.95 4.38 12.85
N TRP A 260 15.61 4.49 14.13
CA TRP A 260 14.43 5.24 14.54
C TRP A 260 14.48 6.66 14.00
N GLU A 261 15.59 7.34 14.22
CA GLU A 261 15.61 8.78 14.05
C GLU A 261 15.78 9.06 12.58
N GLY A 262 16.54 8.21 11.90
CA GLY A 262 16.64 8.29 10.45
C GLY A 262 15.28 8.11 9.81
N CYS A 263 14.57 7.08 10.22
CA CYS A 263 13.27 6.84 9.65
C CYS A 263 12.24 7.88 10.06
N CYS A 264 12.21 8.33 11.33
CA CYS A 264 11.28 9.44 11.74
C CYS A 264 11.56 10.67 10.85
N ARG A 265 12.81 10.92 10.56
CA ARG A 265 13.14 12.03 9.70
C ARG A 265 12.56 11.85 8.27
N LEU A 266 12.67 10.63 7.73
CA LEU A 266 12.15 10.29 6.38
C LEU A 266 10.65 10.35 6.31
N GLU A 267 10.03 9.90 7.38
CA GLU A 267 8.60 9.64 7.41
C GLU A 267 8.10 10.07 8.78
N PRO A 268 7.83 11.36 8.93
CA PRO A 268 7.55 11.88 10.26
C PRO A 268 6.21 11.45 10.86
N THR A 269 5.36 10.73 10.12
CA THR A 269 4.13 10.16 10.71
C THR A 269 4.47 9.03 11.66
N LEU A 270 5.73 8.63 11.67
CA LEU A 270 6.16 7.46 12.46
C LEU A 270 6.06 7.77 13.96
N LYS A 271 6.00 9.06 14.28
CA LYS A 271 5.85 9.48 15.66
C LYS A 271 4.69 8.79 16.34
N ASP A 272 3.65 8.39 15.60
CA ASP A 272 2.55 7.71 16.27
C ASP A 272 2.57 6.19 16.14
N ALA A 273 3.66 5.64 15.62
CA ALA A 273 3.70 4.23 15.30
C ALA A 273 4.07 3.45 16.55
N LYS A 274 3.37 2.36 16.81
CA LYS A 274 3.72 1.53 17.96
C LYS A 274 4.83 0.51 17.62
N ILE A 275 5.88 0.50 18.42
CA ILE A 275 6.98 -0.43 18.26
C ILE A 275 6.50 -1.81 18.69
N VAL A 276 6.75 -2.82 17.87
CA VAL A 276 6.16 -4.12 18.10
C VAL A 276 7.23 -5.22 18.13
N GLY A 277 8.45 -4.92 17.73
CA GLY A 277 9.63 -5.75 18.04
C GLY A 277 10.89 -5.19 17.35
N GLU A 278 12.06 -5.64 17.79
CA GLU A 278 13.31 -5.17 17.22
C GLU A 278 14.23 -6.38 17.02
N TYR A 279 14.88 -6.50 15.85
CA TYR A 279 15.63 -7.74 15.52
C TYR A 279 16.97 -7.47 14.82
N THR A 280 17.86 -8.45 14.90
CA THR A 280 19.16 -8.41 14.22
C THR A 280 19.33 -9.73 13.44
N GLY A 281 19.87 -9.67 12.23
CA GLY A 281 20.16 -10.89 11.46
C GLY A 281 21.40 -10.70 10.60
N PHE A 282 21.86 -11.80 9.97
CA PHE A 282 23.14 -11.84 9.28
C PHE A 282 22.96 -12.29 7.87
N GLY A 283 23.04 -11.34 6.94
CA GLY A 283 23.02 -11.65 5.51
C GLY A 283 24.29 -12.36 5.13
N PRO A 284 24.18 -13.41 4.30
CA PRO A 284 25.36 -14.15 3.94
C PRO A 284 26.04 -13.49 2.77
N VAL A 285 26.91 -12.54 3.12
CA VAL A 285 27.58 -11.66 2.18
C VAL A 285 28.77 -12.39 1.58
N ARG A 286 28.85 -12.32 0.25
CA ARG A 286 29.87 -13.01 -0.55
C ARG A 286 30.00 -12.22 -1.87
N PRO A 287 31.19 -12.08 -2.43
CA PRO A 287 31.28 -11.33 -3.69
C PRO A 287 30.42 -11.90 -4.80
N GLN A 288 30.15 -13.20 -4.75
CA GLN A 288 29.06 -13.76 -5.53
C GLN A 288 28.47 -14.99 -4.85
N VAL A 289 27.29 -15.34 -5.27
CA VAL A 289 26.62 -16.51 -4.75
C VAL A 289 27.45 -17.72 -5.11
N ARG A 290 27.61 -18.63 -4.16
CA ARG A 290 28.22 -19.92 -4.44
C ARG A 290 27.15 -20.89 -4.79
N LEU A 291 27.15 -21.28 -6.05
CA LEU A 291 26.13 -22.16 -6.55
C LEU A 291 26.81 -23.07 -7.53
N GLU A 292 27.19 -24.25 -7.05
CA GLU A 292 28.07 -25.12 -7.82
C GLU A 292 28.05 -26.53 -7.22
N ARG A 293 28.38 -27.46 -8.09
CA ARG A 293 28.49 -28.90 -7.78
C ARG A 293 29.90 -29.19 -7.25
N GLU A 294 29.99 -30.07 -6.25
CA GLU A 294 31.27 -30.57 -5.74
C GLU A 294 31.14 -32.08 -5.42
N GLN A 295 32.17 -32.86 -5.70
CA GLN A 295 32.16 -34.30 -5.39
C GLN A 295 33.08 -34.52 -4.18
N LEU A 296 32.58 -35.20 -3.16
CA LEU A 296 33.35 -35.49 -1.94
C LEU A 296 33.47 -37.00 -1.78
N ARG A 297 34.62 -37.49 -1.32
CA ARG A 297 34.83 -38.92 -1.24
C ARG A 297 35.02 -39.33 0.21
N PHE A 298 34.22 -40.31 0.63
CA PHE A 298 34.27 -40.83 1.99
C PHE A 298 34.17 -42.35 1.93
N GLY A 299 35.25 -43.01 2.35
CA GLY A 299 35.50 -44.39 1.93
C GLY A 299 35.58 -44.46 0.42
N SER A 300 34.83 -45.41 -0.17
CA SER A 300 34.82 -45.55 -1.63
C SER A 300 33.52 -45.09 -2.28
N SER A 301 32.57 -44.60 -1.48
CA SER A 301 31.43 -43.83 -2.00
C SER A 301 31.85 -42.43 -2.46
N ASN A 302 31.39 -42.06 -3.65
CA ASN A 302 31.32 -40.68 -4.07
C ASN A 302 30.02 -40.07 -3.53
N THR A 303 30.08 -38.89 -2.94
CA THR A 303 28.85 -38.15 -2.61
C THR A 303 28.78 -36.85 -3.39
N GLU A 304 27.62 -36.56 -3.96
CA GLU A 304 27.48 -35.29 -4.65
C GLU A 304 26.94 -34.19 -3.74
N VAL A 305 27.65 -33.07 -3.68
CA VAL A 305 27.18 -31.90 -2.96
C VAL A 305 26.91 -30.79 -3.95
N ILE A 306 25.75 -30.17 -3.83
CA ILE A 306 25.48 -28.93 -4.55
C ILE A 306 25.28 -27.75 -3.60
N HIS A 307 26.18 -26.75 -3.64
CA HIS A 307 26.10 -25.60 -2.75
C HIS A 307 25.16 -24.60 -3.33
N ASN A 308 24.42 -23.94 -2.45
CA ASN A 308 23.64 -22.78 -2.79
C ASN A 308 23.54 -21.78 -1.64
N TYR A 309 24.55 -20.93 -1.50
CA TYR A 309 24.64 -20.01 -0.34
C TYR A 309 25.44 -18.76 -0.68
N GLY A 310 25.34 -17.75 0.17
CA GLY A 310 25.99 -16.47 -0.11
C GLY A 310 25.15 -15.47 -0.89
N HIS A 311 23.85 -15.40 -0.60
CA HIS A 311 22.94 -14.51 -1.29
C HIS A 311 22.80 -13.11 -0.64
N GLY A 312 23.67 -12.81 0.32
CA GLY A 312 23.78 -11.47 0.86
C GLY A 312 22.44 -10.86 1.29
N GLY A 313 22.22 -9.61 0.88
CA GLY A 313 21.01 -8.90 1.21
C GLY A 313 19.95 -9.01 0.14
N TYR A 314 19.97 -10.09 -0.64
CA TYR A 314 19.00 -10.25 -1.72
C TYR A 314 18.50 -11.70 -1.91
N GLY A 315 18.56 -12.53 -0.88
CA GLY A 315 18.06 -13.92 -0.98
C GLY A 315 16.61 -14.12 -1.37
N LEU A 316 15.71 -13.31 -0.84
CA LEU A 316 14.30 -13.37 -1.27
C LEU A 316 14.18 -13.03 -2.76
N THR A 317 14.95 -12.04 -3.15
CA THR A 317 14.87 -11.45 -4.45
C THR A 317 15.32 -12.45 -5.54
N ILE A 318 16.28 -13.29 -5.23
CA ILE A 318 16.96 -14.11 -6.22
C ILE A 318 16.61 -15.62 -6.13
N HIS A 319 15.88 -16.01 -5.10
CA HIS A 319 15.90 -17.37 -4.64
C HIS A 319 15.45 -18.38 -5.68
N TRP A 320 14.42 -18.02 -6.44
CA TRP A 320 13.82 -18.98 -7.31
C TRP A 320 14.70 -19.33 -8.50
N GLY A 321 15.39 -18.32 -9.06
CA GLY A 321 16.40 -18.58 -10.09
C GLY A 321 17.46 -19.55 -9.58
N CYS A 322 17.85 -19.37 -8.32
CA CYS A 322 18.94 -20.19 -7.80
C CYS A 322 18.43 -21.62 -7.60
N ALA A 323 17.21 -21.77 -7.13
CA ALA A 323 16.62 -23.10 -6.98
C ALA A 323 16.53 -23.77 -8.33
N LEU A 324 16.07 -23.06 -9.35
CA LEU A 324 15.98 -23.62 -10.71
C LEU A 324 17.37 -24.06 -11.19
N GLU A 325 18.37 -23.23 -10.93
CA GLU A 325 19.71 -23.60 -11.35
C GLU A 325 20.22 -24.87 -10.63
N VAL A 326 19.96 -24.99 -9.33
CA VAL A 326 20.31 -26.19 -8.58
C VAL A 326 19.61 -27.42 -9.18
N ALA A 327 18.35 -27.28 -9.53
CA ALA A 327 17.62 -28.35 -10.18
C ALA A 327 18.25 -28.79 -11.51
N LYS A 328 18.66 -27.83 -12.33
CA LYS A 328 19.55 -28.08 -13.49
C LYS A 328 20.75 -28.96 -13.14
N LEU A 329 21.51 -28.54 -12.15
CA LEU A 329 22.72 -29.27 -11.85
C LEU A 329 22.36 -30.67 -11.36
N PHE A 330 21.24 -30.79 -10.63
CA PHE A 330 20.75 -32.10 -10.20
C PHE A 330 20.41 -32.97 -11.44
N GLY A 331 19.84 -32.38 -12.47
CA GLY A 331 19.55 -33.11 -13.71
C GLY A 331 20.80 -33.76 -14.27
N LYS A 332 21.91 -33.04 -14.21
CA LYS A 332 23.19 -33.45 -14.78
C LYS A 332 23.83 -34.57 -13.97
N VAL A 333 23.63 -34.53 -12.66
CA VAL A 333 24.04 -35.62 -11.78
C VAL A 333 23.30 -36.89 -12.18
N LEU A 334 21.99 -36.77 -12.35
CA LEU A 334 21.21 -37.88 -12.91
C LEU A 334 21.77 -38.35 -14.23
N GLU A 335 21.98 -37.42 -15.15
CA GLU A 335 22.40 -37.79 -16.50
C GLU A 335 23.70 -38.60 -16.44
N GLU A 336 24.58 -38.27 -15.49
CA GLU A 336 25.90 -38.92 -15.38
C GLU A 336 25.79 -40.34 -14.84
N ARG A 337 24.64 -40.67 -14.27
CA ARG A 337 24.35 -42.04 -13.81
C ARG A 337 23.36 -42.69 -14.76
N ASN A 338 23.38 -42.32 -16.04
CA ASN A 338 22.55 -42.98 -17.04
C ASN A 338 21.05 -42.97 -16.65
N LEU A 339 20.66 -41.99 -15.85
CA LEU A 339 19.27 -41.80 -15.53
C LEU A 339 18.69 -40.73 -16.45
N LEU A 340 17.38 -40.79 -16.69
CA LEU A 340 16.75 -40.07 -17.80
C LEU A 340 15.64 -39.10 -17.35
N ALA A 341 15.72 -37.86 -17.84
CA ALA A 341 14.68 -36.84 -17.62
C ALA A 341 13.80 -36.70 -18.87
N ALA A 342 12.64 -36.05 -18.71
CA ALA A 342 11.74 -35.79 -19.84
C ALA A 342 11.75 -36.92 -20.89
N MET B 1 -20.43 39.44 14.11
CA MET B 1 -21.17 38.80 12.99
C MET B 1 -21.34 37.28 13.26
N ARG B 2 -22.55 36.76 13.10
CA ARG B 2 -22.86 35.40 13.51
C ARG B 2 -23.06 34.50 12.31
N VAL B 3 -22.25 33.46 12.22
CA VAL B 3 -22.33 32.53 11.12
C VAL B 3 -22.71 31.15 11.64
N VAL B 4 -23.78 30.58 11.08
CA VAL B 4 -24.17 29.23 11.42
C VAL B 4 -23.92 28.38 10.18
N VAL B 5 -22.98 27.44 10.28
CA VAL B 5 -22.79 26.40 9.29
C VAL B 5 -23.70 25.23 9.66
N ILE B 6 -24.57 24.84 8.73
CA ILE B 6 -25.44 23.67 8.91
C ILE B 6 -24.85 22.49 8.17
N GLY B 7 -24.35 21.53 8.92
CA GLY B 7 -23.74 20.35 8.33
C GLY B 7 -22.38 20.10 8.91
N ALA B 8 -22.17 18.87 9.37
CA ALA B 8 -20.88 18.52 9.95
C ALA B 8 -20.28 17.36 9.17
N GLY B 9 -20.62 17.25 7.88
CA GLY B 9 -19.91 16.35 6.97
C GLY B 9 -18.64 17.05 6.52
N VAL B 10 -17.97 16.46 5.54
CA VAL B 10 -16.73 17.03 5.06
C VAL B 10 -16.94 18.47 4.56
N ILE B 11 -18.06 18.72 3.89
CA ILE B 11 -18.30 20.02 3.28
C ILE B 11 -18.51 21.08 4.35
N GLY B 12 -19.41 20.79 5.27
CA GLY B 12 -19.68 21.66 6.38
C GLY B 12 -18.43 22.08 7.11
N LEU B 13 -17.68 21.11 7.60
CA LEU B 13 -16.57 21.42 8.48
C LEU B 13 -15.40 22.04 7.74
N SER B 14 -15.17 21.58 6.51
CA SER B 14 -14.09 22.15 5.74
C SER B 14 -14.39 23.63 5.57
N THR B 15 -15.63 23.94 5.25
CA THR B 15 -16.05 25.32 4.97
C THR B 15 -15.91 26.13 6.28
N ALA B 16 -16.32 25.56 7.40
CA ALA B 16 -16.31 26.30 8.66
C ALA B 16 -14.88 26.68 8.98
N LEU B 17 -13.97 25.72 8.87
CA LEU B 17 -12.56 26.00 9.13
C LEU B 17 -11.98 27.04 8.18
N CYS B 18 -12.32 26.95 6.90
CA CYS B 18 -11.79 27.88 5.92
C CYS B 18 -12.30 29.31 6.22
N ILE B 19 -13.56 29.45 6.59
CA ILE B 19 -14.07 30.78 6.86
C ILE B 19 -13.34 31.33 8.08
N HIS B 20 -13.31 30.53 9.14
CA HIS B 20 -12.72 30.97 10.37
C HIS B 20 -11.25 31.33 10.24
N GLU B 21 -10.47 30.46 9.60
CA GLU B 21 -9.03 30.68 9.45
C GLU B 21 -8.76 31.93 8.63
N ARG B 22 -9.71 32.27 7.76
CA ARG B 22 -9.53 33.34 6.82
C ARG B 22 -9.88 34.68 7.48
N TYR B 23 -10.91 34.69 8.32
CA TYR B 23 -11.47 35.94 8.82
C TYR B 23 -11.27 36.19 10.30
N HIS B 24 -10.83 35.19 11.07
CA HIS B 24 -10.74 35.37 12.53
C HIS B 24 -9.84 36.54 12.87
N SER B 25 -8.74 36.65 12.14
CA SER B 25 -7.72 37.61 12.51
C SER B 25 -8.19 39.02 12.15
N VAL B 26 -9.14 39.17 11.22
CA VAL B 26 -9.45 40.50 10.72
C VAL B 26 -10.80 41.08 11.11
N LEU B 27 -11.79 40.21 11.30
CA LEU B 27 -13.17 40.61 11.65
C LEU B 27 -13.39 40.42 13.15
N GLN B 28 -13.56 41.51 13.87
CA GLN B 28 -13.97 41.42 15.27
C GLN B 28 -15.33 42.10 15.47
N PRO B 29 -16.31 41.39 16.05
CA PRO B 29 -16.16 39.99 16.42
C PRO B 29 -16.64 39.06 15.30
N LEU B 30 -16.34 37.78 15.44
CA LEU B 30 -16.77 36.79 14.47
C LEU B 30 -17.18 35.61 15.31
N ASP B 31 -18.45 35.26 15.21
CA ASP B 31 -18.94 34.06 15.86
C ASP B 31 -19.37 32.97 14.84
N VAL B 32 -18.59 31.90 14.76
CA VAL B 32 -18.96 30.77 13.91
C VAL B 32 -19.43 29.58 14.74
N LYS B 33 -20.61 29.07 14.43
CA LYS B 33 -21.13 27.87 15.06
C LYS B 33 -21.47 26.85 13.99
N VAL B 34 -21.32 25.58 14.33
CA VAL B 34 -21.82 24.46 13.52
C VAL B 34 -23.04 23.81 14.19
N TYR B 35 -24.11 23.68 13.42
CA TYR B 35 -25.28 22.91 13.78
C TYR B 35 -25.39 21.71 12.84
N ALA B 36 -25.62 20.52 13.40
CA ALA B 36 -25.95 19.35 12.59
C ALA B 36 -26.75 18.39 13.45
N ASP B 37 -27.55 17.54 12.79
CA ASP B 37 -28.25 16.44 13.47
C ASP B 37 -27.48 15.13 13.47
N ARG B 38 -26.42 15.01 12.68
CA ARG B 38 -25.44 13.93 12.91
C ARG B 38 -24.04 14.41 12.78
N PHE B 39 -23.17 13.91 13.66
CA PHE B 39 -21.72 14.15 13.59
C PHE B 39 -21.06 12.82 13.32
N THR B 40 -19.78 12.84 12.92
CA THR B 40 -18.98 11.62 12.85
C THR B 40 -19.27 10.81 14.11
N PRO B 41 -19.33 9.49 13.98
CA PRO B 41 -19.17 8.74 12.73
C PRO B 41 -20.44 8.51 11.93
N PHE B 42 -21.45 9.37 12.07
CA PHE B 42 -22.76 9.06 11.53
C PHE B 42 -23.13 9.78 10.25
N THR B 43 -22.15 10.37 9.56
CA THR B 43 -22.45 11.08 8.30
C THR B 43 -22.11 10.21 7.09
N THR B 44 -22.66 10.57 5.95
CA THR B 44 -22.27 9.95 4.64
C THR B 44 -20.75 10.00 4.44
N THR B 45 -20.16 11.14 4.80
CA THR B 45 -18.72 11.26 4.74
C THR B 45 -17.98 10.07 5.41
N ASP B 46 -18.49 9.65 6.56
CA ASP B 46 -17.83 8.60 7.32
C ASP B 46 -17.71 7.30 6.56
N VAL B 47 -18.53 7.15 5.53
CA VAL B 47 -18.72 5.84 4.91
C VAL B 47 -18.14 5.88 3.50
N ALA B 48 -17.44 6.96 3.17
CA ALA B 48 -16.83 7.11 1.87
C ALA B 48 -15.64 6.17 1.67
N ALA B 49 -15.41 5.80 0.41
CA ALA B 49 -14.33 4.85 0.12
C ALA B 49 -13.00 5.40 0.59
N GLY B 50 -12.84 6.73 0.52
CA GLY B 50 -11.65 7.39 1.02
C GLY B 50 -10.54 7.55 -0.03
N LEU B 51 -10.90 7.75 -1.31
CA LEU B 51 -9.91 7.99 -2.37
C LEU B 51 -10.12 9.34 -3.07
N TRP B 52 -9.03 10.04 -3.37
CA TRP B 52 -9.12 11.21 -4.23
C TRP B 52 -9.14 10.75 -5.67
N GLN B 53 -10.31 10.90 -6.33
CA GLN B 53 -10.41 10.70 -7.77
C GLN B 53 -11.74 11.23 -8.30
N PRO B 54 -11.71 12.19 -9.25
CA PRO B 54 -12.92 12.64 -9.93
C PRO B 54 -13.57 11.58 -10.84
N TYR B 55 -14.80 11.83 -11.24
CA TYR B 55 -15.45 11.02 -12.26
C TYR B 55 -14.59 10.96 -13.52
N THR B 56 -14.77 9.91 -14.31
CA THR B 56 -13.94 9.70 -15.50
C THR B 56 -14.23 10.70 -16.62
N SER B 57 -15.43 11.27 -16.62
CA SER B 57 -15.86 12.19 -17.67
C SER B 57 -15.76 13.64 -17.20
N GLU B 58 -15.47 14.54 -18.13
CA GLU B 58 -15.22 15.95 -17.81
C GLU B 58 -16.41 16.59 -17.06
N PRO B 59 -16.16 17.68 -16.35
CA PRO B 59 -17.27 18.29 -15.62
C PRO B 59 -17.99 19.31 -16.49
N SER B 60 -19.30 19.48 -16.28
CA SER B 60 -20.00 20.58 -16.90
C SER B 60 -19.39 21.92 -16.55
N ASN B 61 -19.52 22.30 -15.29
CA ASN B 61 -18.91 23.53 -14.81
C ASN B 61 -17.40 23.35 -14.93
N PRO B 62 -16.70 24.29 -15.60
CA PRO B 62 -15.23 24.28 -15.58
C PRO B 62 -14.65 24.72 -14.22
N GLN B 63 -15.47 25.39 -13.41
CA GLN B 63 -15.06 25.71 -12.05
C GLN B 63 -14.81 24.44 -11.22
N GLU B 64 -15.47 23.34 -11.56
CA GLU B 64 -15.37 22.10 -10.75
C GLU B 64 -14.01 21.45 -10.89
N ALA B 65 -13.45 21.45 -12.09
CA ALA B 65 -12.10 20.92 -12.31
C ALA B 65 -11.01 21.68 -11.51
N ASN B 66 -11.10 23.00 -11.49
CA ASN B 66 -10.26 23.81 -10.65
C ASN B 66 -10.39 23.43 -9.19
N TRP B 67 -11.64 23.26 -8.72
CA TRP B 67 -11.87 22.92 -7.32
C TRP B 67 -11.23 21.58 -6.95
N ASN B 68 -11.29 20.64 -7.89
CA ASN B 68 -10.70 19.33 -7.65
C ASN B 68 -9.18 19.49 -7.58
N GLN B 69 -8.66 20.32 -8.46
CA GLN B 69 -7.20 20.54 -8.49
C GLN B 69 -6.70 21.19 -7.22
N GLN B 70 -7.37 22.24 -6.78
CA GLN B 70 -6.97 22.92 -5.55
C GLN B 70 -7.12 21.99 -4.37
N THR B 71 -8.01 21.02 -4.46
CA THR B 71 -8.16 20.11 -3.32
C THR B 71 -6.94 19.18 -3.31
N PHE B 72 -6.57 18.65 -4.49
CA PHE B 72 -5.39 17.77 -4.56
C PHE B 72 -4.12 18.46 -4.12
N ASN B 73 -3.89 19.69 -4.56
CA ASN B 73 -2.67 20.42 -4.19
C ASN B 73 -2.65 20.68 -2.68
N TYR B 74 -3.79 21.06 -2.14
CA TYR B 74 -3.94 21.24 -0.70
C TYR B 74 -3.57 19.97 0.07
N LEU B 75 -4.12 18.85 -0.34
CA LEU B 75 -3.96 17.62 0.43
C LEU B 75 -2.53 17.14 0.27
N LEU B 76 -2.06 17.12 -0.96
CA LEU B 76 -0.70 16.66 -1.28
C LEU B 76 0.30 17.42 -0.47
N SER B 77 0.05 18.73 -0.28
CA SER B 77 1.07 19.59 0.34
C SER B 77 1.24 19.24 1.82
N HIS B 78 0.30 18.48 2.37
CA HIS B 78 0.45 17.97 3.75
C HIS B 78 1.36 16.75 3.84
N ILE B 79 1.78 16.19 2.71
CA ILE B 79 2.35 14.88 2.80
C ILE B 79 3.58 14.78 3.71
N GLY B 80 4.65 15.50 3.43
CA GLY B 80 5.77 15.45 4.39
C GLY B 80 5.52 15.96 5.82
N SER B 81 4.29 16.28 6.19
CA SER B 81 4.02 16.77 7.55
C SER B 81 3.87 15.65 8.59
N PRO B 82 4.20 15.94 9.86
CA PRO B 82 4.07 14.90 10.89
C PRO B 82 2.64 14.41 11.08
N ASN B 83 1.67 15.26 10.80
CA ASN B 83 0.27 14.93 11.09
C ASN B 83 -0.56 14.43 9.89
N ALA B 84 0.04 14.20 8.74
CA ALA B 84 -0.75 13.81 7.57
C ALA B 84 -1.68 12.62 7.85
N ALA B 85 -1.18 11.55 8.48
CA ALA B 85 -1.98 10.36 8.81
C ALA B 85 -3.06 10.57 9.90
N ASN B 86 -2.78 11.41 10.91
CA ASN B 86 -3.84 11.78 11.87
C ASN B 86 -4.97 12.61 11.23
N MET B 87 -4.69 13.18 10.06
CA MET B 87 -5.72 13.85 9.27
C MET B 87 -6.54 12.85 8.41
N GLY B 88 -6.11 11.60 8.29
CA GLY B 88 -6.79 10.63 7.38
C GLY B 88 -6.13 10.45 6.02
N LEU B 89 -4.90 10.94 5.90
CA LEU B 89 -4.26 11.20 4.62
C LEU B 89 -3.02 10.37 4.45
N THR B 90 -2.88 9.71 3.32
CA THR B 90 -1.64 9.05 2.97
C THR B 90 -1.60 8.81 1.47
N PRO B 91 -0.41 8.71 0.87
CA PRO B 91 -0.35 8.51 -0.57
C PRO B 91 -0.56 7.03 -0.91
N VAL B 92 -1.21 6.75 -2.05
CA VAL B 92 -1.44 5.38 -2.51
C VAL B 92 -1.39 5.40 -4.01
N SER B 93 -1.06 4.26 -4.57
CA SER B 93 -1.00 4.11 -5.98
C SER B 93 -1.98 3.03 -6.37
N GLY B 94 -2.40 3.04 -7.63
CA GLY B 94 -3.36 2.05 -8.08
C GLY B 94 -3.78 2.12 -9.53
N TYR B 95 -4.80 1.33 -9.84
CA TYR B 95 -5.10 0.89 -11.20
C TYR B 95 -6.54 1.27 -11.51
N ASN B 96 -6.78 1.78 -12.71
CA ASN B 96 -8.12 1.91 -13.28
C ASN B 96 -8.25 1.01 -14.50
N LEU B 97 -9.25 0.15 -14.49
CA LEU B 97 -9.32 -0.97 -15.44
C LEU B 97 -10.56 -0.88 -16.30
N PHE B 98 -10.37 -1.03 -17.61
CA PHE B 98 -11.45 -0.89 -18.60
C PHE B 98 -11.45 -2.10 -19.54
N ARG B 99 -12.61 -2.40 -20.13
CA ARG B 99 -12.76 -3.50 -21.08
C ARG B 99 -12.39 -3.06 -22.48
N GLU B 100 -12.24 -1.76 -22.68
CA GLU B 100 -11.81 -1.27 -23.97
C GLU B 100 -11.08 0.03 -23.81
N ALA B 101 -10.41 0.44 -24.88
CA ALA B 101 -9.71 1.71 -24.89
C ALA B 101 -10.69 2.85 -24.55
N VAL B 102 -10.23 3.78 -23.73
CA VAL B 102 -11.02 4.99 -23.43
C VAL B 102 -10.09 6.20 -23.49
N PRO B 103 -10.65 7.41 -23.60
CA PRO B 103 -9.76 8.56 -23.58
C PRO B 103 -9.12 8.76 -22.20
N ASP B 104 -8.01 9.47 -22.18
CA ASP B 104 -7.40 9.95 -20.94
C ASP B 104 -8.36 10.88 -20.18
N PRO B 105 -8.36 10.84 -18.82
CA PRO B 105 -9.22 11.68 -18.01
C PRO B 105 -8.69 13.10 -17.87
N TYR B 106 -9.58 14.04 -17.61
CA TYR B 106 -9.18 15.44 -17.55
C TYR B 106 -8.19 15.67 -16.41
N TRP B 107 -8.17 14.73 -15.46
CA TRP B 107 -7.36 14.89 -14.23
C TRP B 107 -6.01 14.19 -14.28
N LYS B 108 -5.65 13.70 -15.46
CA LYS B 108 -4.44 12.92 -15.64
C LYS B 108 -3.18 13.62 -15.14
N ASP B 109 -3.12 14.95 -15.26
CA ASP B 109 -1.93 15.69 -14.82
C ASP B 109 -2.04 16.19 -13.39
N MET B 110 -3.24 16.22 -12.83
CA MET B 110 -3.37 16.53 -11.41
C MET B 110 -2.76 15.45 -10.51
N VAL B 111 -3.09 14.19 -10.77
CA VAL B 111 -2.47 13.07 -10.04
C VAL B 111 -0.97 13.00 -10.39
N LEU B 112 -0.26 12.06 -9.76
CA LEU B 112 1.19 11.92 -9.90
C LEU B 112 1.44 10.70 -10.77
N GLY B 113 2.23 10.86 -11.84
CA GLY B 113 2.76 9.71 -12.56
C GLY B 113 1.73 8.95 -13.38
N PHE B 114 0.74 9.67 -13.91
CA PHE B 114 -0.30 9.03 -14.68
C PHE B 114 0.37 8.36 -15.87
N ARG B 115 0.01 7.12 -16.16
CA ARG B 115 0.34 6.53 -17.46
C ARG B 115 -0.68 5.42 -17.78
N LYS B 116 -0.61 4.91 -19.00
CA LYS B 116 -1.43 3.80 -19.42
C LYS B 116 -0.75 2.53 -18.98
N LEU B 117 -1.52 1.46 -18.76
CA LEU B 117 -0.96 0.18 -18.30
C LEU B 117 -0.24 -0.56 -19.47
N THR B 118 0.76 -1.38 -19.15
CA THR B 118 1.42 -2.25 -20.12
C THR B 118 0.78 -3.64 -20.11
N PRO B 119 0.99 -4.38 -21.21
CA PRO B 119 0.47 -5.73 -21.36
C PRO B 119 0.79 -6.68 -20.21
N ARG B 120 1.99 -6.58 -19.64
CA ARG B 120 2.34 -7.42 -18.47
C ARG B 120 1.47 -7.06 -17.29
N GLU B 121 1.27 -5.75 -17.08
CA GLU B 121 0.46 -5.25 -15.96
C GLU B 121 -0.96 -5.77 -16.10
N LEU B 122 -1.47 -5.71 -17.33
CA LEU B 122 -2.81 -6.17 -17.64
C LEU B 122 -3.05 -7.64 -17.33
N ASP B 123 -2.01 -8.47 -17.41
CA ASP B 123 -2.15 -9.89 -17.11
C ASP B 123 -2.36 -10.12 -15.59
N MET B 124 -2.12 -9.08 -14.79
CA MET B 124 -2.51 -9.10 -13.38
C MET B 124 -4.02 -9.22 -13.28
N PHE B 125 -4.68 -8.70 -14.30
CA PHE B 125 -6.13 -8.52 -14.29
C PHE B 125 -6.73 -9.15 -15.57
N PRO B 126 -6.99 -10.46 -15.52
CA PRO B 126 -7.36 -11.18 -16.75
C PRO B 126 -8.63 -10.65 -17.43
N ASP B 127 -9.56 -10.08 -16.68
CA ASP B 127 -10.84 -9.71 -17.26
C ASP B 127 -10.85 -8.40 -18.02
N TYR B 128 -9.72 -7.70 -18.05
CA TYR B 128 -9.71 -6.32 -18.52
C TYR B 128 -8.63 -6.18 -19.55
N ARG B 129 -8.74 -5.18 -20.43
CA ARG B 129 -7.91 -5.12 -21.64
C ARG B 129 -7.21 -3.77 -21.77
N TYR B 130 -7.57 -2.81 -20.93
CA TYR B 130 -7.01 -1.45 -21.01
C TYR B 130 -7.09 -0.75 -19.64
N GLY B 131 -6.15 0.13 -19.31
CA GLY B 131 -6.36 1.06 -18.19
C GLY B 131 -5.22 1.98 -17.83
N TRP B 132 -5.22 2.46 -16.59
CA TRP B 132 -4.27 3.48 -16.13
C TRP B 132 -3.56 3.07 -14.86
N PHE B 133 -2.43 3.71 -14.61
CA PHE B 133 -1.80 3.67 -13.31
C PHE B 133 -1.57 5.10 -12.89
N ASN B 134 -1.84 5.40 -11.61
CA ASN B 134 -1.36 6.65 -11.02
C ASN B 134 -1.24 6.58 -9.49
N THR B 135 -0.60 7.58 -8.92
CA THR B 135 -0.52 7.73 -7.51
C THR B 135 -1.49 8.85 -7.09
N SER B 136 -2.25 8.61 -6.03
CA SER B 136 -3.17 9.58 -5.49
C SER B 136 -3.12 9.55 -3.98
N LEU B 137 -4.19 10.01 -3.33
CA LEU B 137 -4.17 10.12 -1.87
C LEU B 137 -5.40 9.44 -1.32
N ILE B 138 -5.21 8.68 -0.23
CA ILE B 138 -6.31 8.27 0.63
C ILE B 138 -6.67 9.48 1.47
N LEU B 139 -7.96 9.82 1.55
CA LEU B 139 -8.47 10.72 2.57
C LEU B 139 -9.59 10.02 3.27
N GLU B 140 -9.32 9.56 4.48
CA GLU B 140 -10.33 8.87 5.22
C GLU B 140 -11.35 9.78 5.87
N GLY B 141 -12.61 9.61 5.46
CA GLY B 141 -13.71 10.41 5.94
C GLY B 141 -13.75 10.58 7.45
N ARG B 142 -13.83 9.45 8.14
CA ARG B 142 -13.92 9.39 9.60
C ARG B 142 -12.78 10.21 10.22
N LYS B 143 -11.55 9.91 9.84
CA LYS B 143 -10.42 10.50 10.50
C LYS B 143 -10.35 11.97 10.15
N TYR B 144 -10.72 12.32 8.93
CA TYR B 144 -10.61 13.71 8.52
C TYR B 144 -11.61 14.53 9.32
N LEU B 145 -12.77 13.96 9.57
CA LEU B 145 -13.81 14.68 10.31
C LEU B 145 -13.38 14.93 11.75
N GLN B 146 -12.76 13.95 12.37
CA GLN B 146 -12.20 14.13 13.71
C GLN B 146 -11.05 15.15 13.75
N TRP B 147 -10.18 15.15 12.73
CA TRP B 147 -9.16 16.19 12.63
C TRP B 147 -9.78 17.57 12.57
N LEU B 148 -10.77 17.75 11.70
CA LEU B 148 -11.34 19.09 11.51
C LEU B 148 -12.13 19.53 12.73
N THR B 149 -12.93 18.64 13.30
CA THR B 149 -13.64 19.07 14.50
C THR B 149 -12.63 19.47 15.60
N GLU B 150 -11.51 18.79 15.70
CA GLU B 150 -10.47 19.19 16.69
C GLU B 150 -9.83 20.56 16.42
N ARG B 151 -9.45 20.80 15.17
CA ARG B 151 -8.93 22.11 14.74
C ARG B 151 -9.97 23.22 14.94
N LEU B 152 -11.23 22.92 14.65
CA LEU B 152 -12.31 23.92 14.77
C LEU B 152 -12.53 24.25 16.26
N THR B 153 -12.67 23.20 17.04
CA THR B 153 -12.85 23.34 18.49
C THR B 153 -11.70 24.08 19.18
N GLU B 154 -10.46 23.76 18.83
CA GLU B 154 -9.31 24.46 19.40
C GLU B 154 -9.40 25.97 19.16
N ARG B 155 -10.10 26.37 18.10
CA ARG B 155 -10.12 27.76 17.69
C ARG B 155 -11.36 28.47 18.23
N GLY B 156 -12.15 27.78 19.03
CA GLY B 156 -13.34 28.39 19.66
C GLY B 156 -14.65 28.24 18.89
N VAL B 157 -14.66 27.44 17.83
CA VAL B 157 -15.89 27.24 17.07
C VAL B 157 -16.70 26.18 17.83
N LYS B 158 -18.00 26.44 17.98
CA LYS B 158 -18.84 25.66 18.90
C LYS B 158 -19.88 24.83 18.10
N PHE B 159 -20.05 23.59 18.54
CA PHE B 159 -20.89 22.65 17.84
C PHE B 159 -22.16 22.42 18.64
N PHE B 160 -23.28 22.28 17.92
CA PHE B 160 -24.57 21.97 18.51
C PHE B 160 -25.22 20.90 17.70
N LEU B 161 -25.44 19.78 18.37
CA LEU B 161 -26.23 18.67 17.84
C LEU B 161 -27.69 19.09 17.88
N ARG B 162 -28.20 19.53 16.72
CA ARG B 162 -29.61 19.83 16.60
C ARG B 162 -30.08 19.75 15.16
N LYS B 163 -31.35 19.45 15.02
CA LYS B 163 -31.97 19.33 13.72
C LYS B 163 -32.55 20.68 13.32
N VAL B 164 -32.17 21.18 12.14
CA VAL B 164 -32.75 22.41 11.66
C VAL B 164 -34.00 22.12 10.83
N GLU B 165 -35.07 22.89 11.09
CA GLU B 165 -36.37 22.71 10.44
C GLU B 165 -36.59 23.69 9.29
N SER B 166 -35.97 24.85 9.35
CA SER B 166 -36.07 25.84 8.29
C SER B 166 -34.89 26.78 8.39
N PHE B 167 -34.60 27.49 7.33
CA PHE B 167 -33.61 28.55 7.39
C PHE B 167 -34.15 29.66 8.26
N GLU B 168 -35.46 29.84 8.21
CA GLU B 168 -36.11 30.94 8.93
C GLU B 168 -35.79 30.89 10.44
N GLU B 169 -35.97 29.74 11.06
CA GLU B 169 -35.74 29.60 12.49
C GLU B 169 -34.29 29.95 12.91
N VAL B 170 -33.32 29.66 12.05
CA VAL B 170 -31.92 29.89 12.39
C VAL B 170 -31.62 31.37 12.24
N ALA B 171 -32.18 31.99 11.19
CA ALA B 171 -32.09 33.43 11.01
C ALA B 171 -32.69 34.14 12.22
N ARG B 172 -33.88 33.69 12.62
CA ARG B 172 -34.61 34.27 13.76
C ARG B 172 -33.89 34.05 15.09
N GLY B 173 -33.15 32.96 15.21
CA GLY B 173 -32.30 32.74 16.36
C GLY B 173 -31.06 33.64 16.38
N GLY B 174 -30.80 34.36 15.29
CA GLY B 174 -29.80 35.43 15.30
C GLY B 174 -28.60 35.22 14.38
N ALA B 175 -28.66 34.23 13.49
CA ALA B 175 -27.63 34.13 12.46
C ALA B 175 -27.73 35.30 11.49
N ASP B 176 -26.59 35.92 11.21
CA ASP B 176 -26.47 36.86 10.06
C ASP B 176 -26.18 36.15 8.76
N VAL B 177 -25.46 35.04 8.83
CA VAL B 177 -25.15 34.26 7.63
C VAL B 177 -25.31 32.80 7.92
N ILE B 178 -25.92 32.10 6.98
CA ILE B 178 -26.06 30.66 7.06
C ILE B 178 -25.35 30.03 5.92
N ILE B 179 -24.49 29.05 6.21
CA ILE B 179 -23.87 28.23 5.17
C ILE B 179 -24.56 26.87 5.12
N ASN B 180 -25.12 26.54 3.99
CA ASN B 180 -25.99 25.36 3.93
C ASN B 180 -25.25 24.15 3.35
N CYS B 181 -24.75 23.27 4.23
CA CYS B 181 -23.93 22.14 3.84
C CYS B 181 -24.62 20.87 4.29
N THR B 182 -25.84 20.69 3.80
CA THR B 182 -26.76 19.69 4.31
C THR B 182 -26.74 18.41 3.46
N GLY B 183 -25.83 18.34 2.50
CA GLY B 183 -25.66 17.15 1.69
C GLY B 183 -26.96 16.78 1.02
N VAL B 184 -27.30 15.50 1.05
CA VAL B 184 -28.35 14.98 0.20
C VAL B 184 -29.72 15.31 0.77
N TRP B 185 -29.76 15.75 2.04
CA TRP B 185 -31.01 16.18 2.67
C TRP B 185 -31.32 17.69 2.57
N ALA B 186 -30.66 18.41 1.66
CA ALA B 186 -30.82 19.87 1.55
C ALA B 186 -32.23 20.21 1.09
N GLY B 187 -32.86 19.26 0.41
CA GLY B 187 -34.19 19.45 -0.15
C GLY B 187 -35.23 19.72 0.93
N VAL B 188 -34.97 19.20 2.14
CA VAL B 188 -35.88 19.40 3.28
C VAL B 188 -36.01 20.89 3.60
N LEU B 189 -34.92 21.63 3.51
CA LEU B 189 -34.97 23.03 3.89
C LEU B 189 -35.38 23.91 2.72
N GLN B 190 -35.21 23.39 1.50
CA GLN B 190 -35.57 24.14 0.30
C GLN B 190 -35.64 23.20 -0.92
N PRO B 191 -36.86 22.97 -1.43
CA PRO B 191 -37.00 21.90 -2.41
C PRO B 191 -36.03 22.08 -3.55
N ASP B 192 -35.39 21.00 -3.96
CA ASP B 192 -34.46 21.07 -5.09
C ASP B 192 -34.53 19.78 -5.87
N PRO B 193 -35.25 19.81 -6.99
CA PRO B 193 -35.62 18.58 -7.70
C PRO B 193 -34.47 18.02 -8.51
N LEU B 194 -33.37 18.75 -8.59
CA LEU B 194 -32.15 18.28 -9.23
C LEU B 194 -31.31 17.44 -8.28
N LEU B 195 -31.70 17.39 -7.01
CA LEU B 195 -30.87 16.73 -6.00
C LEU B 195 -31.43 15.36 -5.72
N GLN B 196 -30.59 14.34 -5.85
CA GLN B 196 -31.03 12.94 -5.74
C GLN B 196 -30.04 12.10 -4.92
N PRO B 197 -30.53 11.04 -4.31
CA PRO B 197 -29.61 10.19 -3.58
C PRO B 197 -28.83 9.29 -4.52
N GLY B 198 -27.51 9.25 -4.36
CA GLY B 198 -26.70 8.21 -4.98
C GLY B 198 -26.40 7.10 -4.00
N ARG B 199 -27.22 6.04 -4.05
CA ARG B 199 -27.14 5.01 -3.03
C ARG B 199 -25.96 4.09 -3.30
N GLY B 200 -25.00 4.13 -2.37
CA GLY B 200 -23.83 3.30 -2.45
C GLY B 200 -23.74 2.43 -1.21
N GLN B 201 -23.46 1.15 -1.45
CA GLN B 201 -23.25 0.20 -0.39
C GLN B 201 -21.82 -0.27 -0.44
N ILE B 202 -21.24 -0.52 0.72
CA ILE B 202 -19.87 -0.98 0.75
C ILE B 202 -19.67 -2.07 1.78
N ILE B 203 -18.62 -2.85 1.55
CA ILE B 203 -18.24 -3.84 2.51
C ILE B 203 -16.85 -3.52 3.00
N LYS B 204 -16.69 -3.43 4.31
CA LYS B 204 -15.39 -3.15 4.89
C LYS B 204 -14.76 -4.42 5.44
N VAL B 205 -13.45 -4.55 5.21
CA VAL B 205 -12.80 -5.82 5.32
C VAL B 205 -11.38 -5.57 5.85
N ASP B 206 -10.92 -6.44 6.74
CA ASP B 206 -9.48 -6.55 7.07
C ASP B 206 -8.76 -7.36 6.03
N ALA B 207 -7.95 -6.70 5.24
CA ALA B 207 -7.11 -7.39 4.29
C ALA B 207 -5.85 -6.58 4.11
N PRO B 208 -5.00 -6.53 5.15
CA PRO B 208 -3.99 -5.46 5.15
C PRO B 208 -2.89 -5.73 4.16
N TRP B 209 -2.90 -6.89 3.48
CA TRP B 209 -1.93 -7.13 2.44
C TRP B 209 -2.10 -6.27 1.19
N LEU B 210 -3.30 -5.75 0.99
CA LEU B 210 -3.64 -5.01 -0.19
C LEU B 210 -3.21 -3.53 -0.03
N LYS B 211 -2.27 -3.09 -0.89
CA LYS B 211 -1.60 -1.78 -0.77
C LYS B 211 -1.89 -0.85 -1.95
N ASN B 212 -2.69 -1.30 -2.89
CA ASN B 212 -3.02 -0.50 -4.07
C ASN B 212 -4.51 -0.34 -4.23
N PHE B 213 -4.97 0.80 -4.74
CA PHE B 213 -6.37 0.86 -5.16
C PHE B 213 -6.60 0.15 -6.50
N ILE B 214 -7.79 -0.40 -6.68
CA ILE B 214 -8.09 -1.09 -7.93
C ILE B 214 -9.51 -0.74 -8.32
N ILE B 215 -9.68 0.00 -9.40
CA ILE B 215 -11.00 0.47 -9.79
C ILE B 215 -11.36 0.01 -11.21
N THR B 216 -12.42 -0.78 -11.31
CA THR B 216 -12.91 -1.25 -12.57
C THR B 216 -13.99 -0.33 -13.03
N HIS B 217 -14.16 -0.24 -14.35
CA HIS B 217 -15.29 0.45 -14.95
C HIS B 217 -16.08 -0.46 -15.90
N ASP B 218 -17.39 -0.27 -15.86
CA ASP B 218 -18.29 -0.87 -16.82
C ASP B 218 -18.89 0.33 -17.53
N LEU B 219 -18.47 0.57 -18.78
CA LEU B 219 -18.98 1.74 -19.52
C LEU B 219 -20.53 1.76 -19.67
N GLU B 220 -21.13 0.58 -19.81
CA GLU B 220 -22.55 0.48 -20.14
C GLU B 220 -23.41 0.35 -18.87
N ARG B 221 -22.89 0.79 -17.73
CA ARG B 221 -23.65 0.66 -16.48
C ARG B 221 -23.47 1.82 -15.53
N GLY B 222 -22.56 2.73 -15.88
CA GLY B 222 -22.42 3.97 -15.12
C GLY B 222 -21.53 3.87 -13.89
N ILE B 223 -21.04 5.02 -13.47
CA ILE B 223 -19.81 5.13 -12.71
C ILE B 223 -20.00 4.49 -11.30
N TYR B 224 -19.03 3.67 -10.89
CA TYR B 224 -19.05 2.96 -9.59
C TYR B 224 -20.12 1.86 -9.46
N ASN B 225 -20.71 1.48 -10.59
CA ASN B 225 -21.43 0.22 -10.64
C ASN B 225 -20.58 -0.82 -11.32
N SER B 226 -19.36 -0.97 -10.80
CA SER B 226 -18.55 -2.15 -11.08
C SER B 226 -17.43 -2.24 -10.02
N PRO B 227 -16.73 -3.36 -9.96
CA PRO B 227 -16.01 -3.62 -8.73
C PRO B 227 -14.90 -2.60 -8.44
N LEU B 228 -14.79 -2.23 -7.17
CA LEU B 228 -13.70 -1.36 -6.79
C LEU B 228 -13.13 -1.77 -5.42
N ILE B 229 -11.81 -1.66 -5.30
CA ILE B 229 -11.12 -1.96 -4.07
C ILE B 229 -10.20 -0.81 -3.65
N ILE B 230 -10.42 -0.32 -2.42
CA ILE B 230 -9.63 0.80 -1.93
C ILE B 230 -9.08 0.55 -0.54
N PRO B 231 -7.79 0.29 -0.43
CA PRO B 231 -7.21 0.18 0.88
C PRO B 231 -7.34 1.47 1.68
N GLY B 232 -7.86 1.36 2.90
CA GLY B 232 -7.91 2.51 3.79
C GLY B 232 -6.79 2.42 4.80
N LEU B 233 -6.80 3.31 5.78
CA LEU B 233 -5.73 3.37 6.74
C LEU B 233 -5.62 2.06 7.57
N GLN B 234 -6.75 1.52 7.98
CA GLN B 234 -6.79 0.33 8.84
C GLN B 234 -7.67 -0.80 8.29
N ALA B 235 -8.36 -0.53 7.19
CA ALA B 235 -9.28 -1.48 6.64
C ALA B 235 -9.37 -1.21 5.18
N VAL B 236 -9.97 -2.14 4.45
CA VAL B 236 -10.14 -2.01 3.02
C VAL B 236 -11.62 -1.81 2.67
N THR B 237 -11.90 -0.91 1.73
CA THR B 237 -13.26 -0.68 1.28
C THR B 237 -13.50 -1.39 -0.06
N LEU B 238 -14.61 -2.11 -0.09
CA LEU B 238 -15.00 -2.96 -1.22
C LEU B 238 -16.32 -2.39 -1.75
N GLY B 239 -16.34 -2.03 -3.02
CA GLY B 239 -17.50 -1.34 -3.56
C GLY B 239 -17.96 -1.91 -4.89
N GLY B 240 -19.02 -1.33 -5.42
CA GLY B 240 -19.49 -1.64 -6.76
C GLY B 240 -20.96 -1.37 -7.05
N THR B 241 -21.64 -0.55 -6.23
CA THR B 241 -22.99 -0.08 -6.58
C THR B 241 -23.14 1.41 -6.36
N PHE B 242 -23.90 2.07 -7.22
CA PHE B 242 -24.14 3.49 -7.10
C PHE B 242 -25.37 3.80 -7.94
N GLN B 243 -26.56 3.61 -7.35
CA GLN B 243 -27.86 3.79 -8.07
C GLN B 243 -28.54 5.08 -7.60
N VAL B 244 -28.74 6.01 -8.52
CA VAL B 244 -29.42 7.24 -8.19
C VAL B 244 -30.91 6.98 -8.03
N GLY B 245 -31.51 7.64 -7.05
CA GLY B 245 -32.95 7.59 -6.88
C GLY B 245 -33.44 6.67 -5.79
N ASN B 246 -32.55 5.83 -5.27
CA ASN B 246 -32.95 4.86 -4.25
C ASN B 246 -32.72 5.38 -2.83
N TRP B 247 -33.78 5.43 -2.02
CA TRP B 247 -33.73 6.14 -0.74
C TRP B 247 -33.66 5.15 0.39
N ASN B 248 -33.56 3.88 0.02
CA ASN B 248 -33.39 2.80 0.97
C ASN B 248 -32.08 2.87 1.80
N GLU B 249 -32.18 3.20 3.08
CA GLU B 249 -30.98 3.37 3.92
C GLU B 249 -30.46 2.02 4.41
N ILE B 250 -31.18 0.96 4.11
CA ILE B 250 -30.86 -0.36 4.64
C ILE B 250 -30.01 -1.14 3.62
N ASN B 251 -29.14 -2.01 4.14
CA ASN B 251 -28.27 -2.87 3.32
C ASN B 251 -29.07 -3.90 2.57
N ASN B 252 -28.79 -4.01 1.29
CA ASN B 252 -29.55 -4.84 0.38
C ASN B 252 -28.73 -6.10 0.12
N ILE B 253 -29.42 -7.21 -0.05
CA ILE B 253 -28.78 -8.51 -0.17
C ILE B 253 -28.12 -8.71 -1.54
N GLN B 254 -28.76 -8.25 -2.63
CA GLN B 254 -28.17 -8.41 -3.96
C GLN B 254 -26.92 -7.50 -4.15
N ASP B 255 -26.92 -6.34 -3.49
CA ASP B 255 -25.78 -5.46 -3.55
C ASP B 255 -24.60 -6.06 -2.79
N HIS B 256 -24.86 -6.64 -1.63
CA HIS B 256 -23.86 -7.42 -0.98
C HIS B 256 -23.23 -8.41 -1.96
N ASN B 257 -24.06 -9.14 -2.69
CA ASN B 257 -23.56 -10.17 -3.57
C ASN B 257 -22.81 -9.53 -4.74
N THR B 258 -23.38 -8.52 -5.36
CA THR B 258 -22.71 -7.84 -6.46
C THR B 258 -21.29 -7.44 -6.03
N ILE B 259 -21.14 -6.99 -4.78
CA ILE B 259 -19.88 -6.41 -4.31
C ILE B 259 -18.89 -7.50 -3.95
N TRP B 260 -19.35 -8.46 -3.15
CA TRP B 260 -18.50 -9.57 -2.76
C TRP B 260 -18.00 -10.34 -3.98
N GLU B 261 -18.87 -10.71 -4.91
CA GLU B 261 -18.43 -11.58 -6.01
C GLU B 261 -17.64 -10.83 -7.05
N GLY B 262 -18.06 -9.61 -7.32
CA GLY B 262 -17.26 -8.79 -8.19
C GLY B 262 -15.86 -8.67 -7.64
N CYS B 263 -15.74 -8.29 -6.36
CA CYS B 263 -14.42 -8.07 -5.78
C CYS B 263 -13.62 -9.37 -5.56
N CYS B 264 -14.25 -10.46 -5.08
CA CYS B 264 -13.57 -11.78 -4.98
C CYS B 264 -12.99 -12.20 -6.37
N ARG B 265 -13.71 -11.93 -7.44
CA ARG B 265 -13.17 -12.19 -8.78
C ARG B 265 -12.02 -11.25 -9.17
N LEU B 266 -12.13 -9.97 -8.84
CA LEU B 266 -11.04 -9.02 -9.11
C LEU B 266 -9.80 -9.41 -8.30
N GLU B 267 -10.04 -9.84 -7.08
CA GLU B 267 -8.97 -9.95 -6.14
C GLU B 267 -9.20 -11.19 -5.29
N PRO B 268 -8.80 -12.36 -5.81
CA PRO B 268 -9.31 -13.58 -5.14
C PRO B 268 -8.69 -13.86 -3.78
N THR B 269 -7.65 -13.13 -3.41
CA THR B 269 -7.09 -13.26 -2.06
C THR B 269 -8.11 -12.87 -1.02
N LEU B 270 -9.20 -12.25 -1.44
CA LEU B 270 -10.21 -11.70 -0.51
C LEU B 270 -10.86 -12.85 0.27
N LYS B 271 -10.72 -14.06 -0.24
CA LYS B 271 -11.30 -15.22 0.42
C LYS B 271 -10.92 -15.34 1.88
N ASP B 272 -9.77 -14.81 2.27
CA ASP B 272 -9.36 -14.93 3.68
C ASP B 272 -9.54 -13.61 4.44
N ALA B 273 -10.25 -12.66 3.84
CA ALA B 273 -10.40 -11.36 4.45
C ALA B 273 -11.56 -11.40 5.43
N LYS B 274 -11.39 -10.85 6.63
CA LYS B 274 -12.48 -10.78 7.60
C LYS B 274 -13.39 -9.56 7.38
N ILE B 275 -14.69 -9.80 7.33
CA ILE B 275 -15.67 -8.77 7.16
C ILE B 275 -15.75 -8.00 8.46
N VAL B 276 -15.70 -6.68 8.37
CA VAL B 276 -15.58 -5.79 9.52
C VAL B 276 -16.91 -5.09 9.70
N GLY B 277 -17.50 -4.74 8.57
CA GLY B 277 -18.81 -4.11 8.56
C GLY B 277 -19.28 -3.88 7.14
N GLU B 278 -20.56 -3.61 7.02
CA GLU B 278 -21.15 -3.39 5.71
C GLU B 278 -22.09 -2.19 5.87
N TYR B 279 -22.04 -1.24 4.94
CA TYR B 279 -22.73 0.06 5.15
C TYR B 279 -23.37 0.59 3.87
N THR B 280 -24.32 1.49 4.05
CA THR B 280 -25.01 2.16 2.94
C THR B 280 -25.04 3.65 3.17
N GLY B 281 -24.79 4.44 2.13
CA GLY B 281 -24.87 5.89 2.26
C GLY B 281 -25.34 6.53 0.95
N PHE B 282 -25.62 7.84 1.02
CA PHE B 282 -26.28 8.54 -0.05
C PHE B 282 -25.43 9.70 -0.45
N GLY B 283 -24.82 9.59 -1.62
CA GLY B 283 -24.14 10.71 -2.22
C GLY B 283 -25.14 11.73 -2.75
N PRO B 284 -24.85 13.01 -2.55
CA PRO B 284 -25.75 14.04 -2.99
C PRO B 284 -25.58 14.38 -4.46
N VAL B 285 -26.20 13.56 -5.30
CA VAL B 285 -26.08 13.64 -6.74
C VAL B 285 -26.87 14.84 -7.25
N ARG B 286 -26.24 15.62 -8.12
CA ARG B 286 -26.82 16.85 -8.71
C ARG B 286 -26.03 17.14 -10.01
N PRO B 287 -26.72 17.55 -11.07
CA PRO B 287 -25.94 17.77 -12.31
C PRO B 287 -24.78 18.74 -12.09
N GLN B 288 -24.92 19.61 -11.10
CA GLN B 288 -23.90 20.61 -10.80
C GLN B 288 -23.90 20.85 -9.31
N VAL B 289 -22.72 21.01 -8.72
CA VAL B 289 -22.64 21.43 -7.33
C VAL B 289 -23.42 22.70 -7.15
N ARG B 290 -24.24 22.79 -6.11
CA ARG B 290 -24.86 24.08 -5.81
C ARG B 290 -24.01 24.84 -4.82
N LEU B 291 -23.40 25.92 -5.29
CA LEU B 291 -22.49 26.67 -4.49
C LEU B 291 -22.73 28.10 -4.89
N GLU B 292 -23.61 28.76 -4.14
CA GLU B 292 -24.07 30.06 -4.54
C GLU B 292 -24.71 30.76 -3.36
N ARG B 293 -24.70 32.07 -3.47
CA ARG B 293 -25.30 32.99 -2.50
C ARG B 293 -26.82 33.15 -2.75
N GLU B 294 -27.61 33.27 -1.68
CA GLU B 294 -29.05 33.61 -1.77
C GLU B 294 -29.41 34.55 -0.62
N GLN B 295 -30.25 35.54 -0.88
CA GLN B 295 -30.67 36.49 0.15
C GLN B 295 -32.02 36.06 0.64
N LEU B 296 -32.19 35.93 1.95
CA LEU B 296 -33.49 35.62 2.53
C LEU B 296 -33.92 36.69 3.51
N ARG B 297 -35.23 36.76 3.66
CA ARG B 297 -35.94 37.94 4.13
C ARG B 297 -36.98 37.49 5.15
N PHE B 298 -36.63 37.63 6.42
CA PHE B 298 -37.53 37.28 7.52
C PHE B 298 -37.44 38.40 8.57
N GLY B 299 -38.58 39.03 8.86
CA GLY B 299 -38.61 40.19 9.76
C GLY B 299 -37.67 41.27 9.31
N SER B 300 -37.18 42.05 10.28
CA SER B 300 -36.14 43.04 10.02
C SER B 300 -34.89 42.33 9.53
N SER B 301 -34.11 43.00 8.68
CA SER B 301 -32.84 42.48 8.18
C SER B 301 -33.02 41.31 7.21
N ASN B 302 -32.08 41.23 6.28
CA ASN B 302 -31.78 40.00 5.58
C ASN B 302 -30.80 39.14 6.35
N THR B 303 -30.99 37.83 6.25
CA THR B 303 -29.96 36.90 6.52
C THR B 303 -29.50 36.33 5.17
N GLU B 304 -28.18 36.20 5.03
CA GLU B 304 -27.55 35.69 3.80
C GLU B 304 -27.31 34.17 3.91
N VAL B 305 -27.76 33.44 2.90
CA VAL B 305 -27.51 32.02 2.85
C VAL B 305 -26.55 31.71 1.72
N ILE B 306 -25.52 30.92 2.03
CA ILE B 306 -24.64 30.41 1.02
C ILE B 306 -24.68 28.89 0.98
N HIS B 307 -25.14 28.36 -0.15
CA HIS B 307 -25.27 26.95 -0.31
C HIS B 307 -23.93 26.38 -0.72
N ASN B 308 -23.67 25.17 -0.24
CA ASN B 308 -22.56 24.34 -0.69
C ASN B 308 -22.95 22.85 -0.58
N TYR B 309 -23.66 22.33 -1.58
CA TYR B 309 -24.12 20.96 -1.55
C TYR B 309 -24.30 20.39 -2.95
N GLY B 310 -24.41 19.07 -3.04
CA GLY B 310 -24.58 18.38 -4.31
C GLY B 310 -23.28 17.91 -4.91
N HIS B 311 -22.38 17.38 -4.07
CA HIS B 311 -21.06 16.93 -4.54
C HIS B 311 -21.01 15.46 -4.93
N GLY B 312 -22.16 14.82 -5.01
CA GLY B 312 -22.27 13.47 -5.56
C GLY B 312 -21.31 12.46 -4.93
N GLY B 313 -20.68 11.66 -5.77
CA GLY B 313 -19.66 10.74 -5.31
C GLY B 313 -18.23 11.28 -5.30
N TYR B 314 -18.06 12.60 -5.17
CA TYR B 314 -16.72 13.18 -5.20
C TYR B 314 -16.47 14.30 -4.17
N GLY B 315 -17.28 14.35 -3.13
CA GLY B 315 -17.13 15.36 -2.10
C GLY B 315 -15.79 15.43 -1.39
N LEU B 316 -15.18 14.29 -1.07
CA LEU B 316 -13.82 14.30 -0.53
C LEU B 316 -12.87 14.92 -1.55
N THR B 317 -13.10 14.54 -2.79
CA THR B 317 -12.19 14.88 -3.87
C THR B 317 -12.20 16.39 -4.14
N ILE B 318 -13.35 17.04 -3.99
CA ILE B 318 -13.54 18.42 -4.43
C ILE B 318 -13.63 19.45 -3.30
N HIS B 319 -13.65 18.97 -2.06
CA HIS B 319 -14.17 19.73 -0.94
C HIS B 319 -13.43 21.03 -0.67
N TRP B 320 -12.12 21.06 -0.88
CA TRP B 320 -11.39 22.24 -0.42
C TRP B 320 -11.53 23.46 -1.33
N GLY B 321 -11.50 23.24 -2.63
CA GLY B 321 -11.86 24.30 -3.58
C GLY B 321 -13.25 24.90 -3.32
N CYS B 322 -14.21 24.05 -2.95
CA CYS B 322 -15.53 24.53 -2.63
C CYS B 322 -15.49 25.37 -1.36
N ALA B 323 -14.77 24.93 -0.34
CA ALA B 323 -14.67 25.72 0.88
C ALA B 323 -14.08 27.09 0.62
N LEU B 324 -13.01 27.13 -0.17
CA LEU B 324 -12.36 28.39 -0.53
C LEU B 324 -13.38 29.33 -1.20
N GLU B 325 -14.15 28.78 -2.13
CA GLU B 325 -15.08 29.59 -2.90
C GLU B 325 -16.21 30.15 -2.02
N VAL B 326 -16.68 29.36 -1.07
CA VAL B 326 -17.62 29.86 -0.10
C VAL B 326 -17.03 30.97 0.76
N ALA B 327 -15.81 30.75 1.25
CA ALA B 327 -15.16 31.80 2.02
C ALA B 327 -15.00 33.10 1.25
N LYS B 328 -14.61 33.03 -0.02
CA LYS B 328 -14.68 34.24 -0.90
C LYS B 328 -16.07 34.89 -0.92
N LEU B 329 -17.11 34.10 -1.19
CA LEU B 329 -18.44 34.68 -1.26
C LEU B 329 -18.76 35.33 0.08
N PHE B 330 -18.33 34.73 1.19
CA PHE B 330 -18.52 35.33 2.49
C PHE B 330 -17.78 36.66 2.59
N GLY B 331 -16.61 36.75 1.99
CA GLY B 331 -15.87 38.03 1.90
C GLY B 331 -16.69 39.15 1.25
N LYS B 332 -17.43 38.77 0.22
CA LYS B 332 -18.22 39.73 -0.54
C LYS B 332 -19.35 40.22 0.33
N VAL B 333 -19.92 39.32 1.10
CA VAL B 333 -20.99 39.65 2.02
C VAL B 333 -20.50 40.65 3.07
N LEU B 334 -19.35 40.41 3.64
CA LEU B 334 -18.78 41.35 4.60
C LEU B 334 -18.63 42.75 3.99
N GLU B 335 -18.09 42.76 2.79
CA GLU B 335 -17.84 43.98 2.06
C GLU B 335 -19.14 44.77 1.90
N GLU B 336 -20.23 44.08 1.62
CA GLU B 336 -21.50 44.75 1.38
C GLU B 336 -22.14 45.25 2.64
N ARG B 337 -21.60 44.82 3.77
CA ARG B 337 -21.98 45.38 5.05
C ARG B 337 -20.89 46.24 5.64
N ASN B 338 -19.93 46.67 4.83
CA ASN B 338 -18.93 47.65 5.32
C ASN B 338 -18.32 47.18 6.61
N LEU B 339 -18.15 45.86 6.73
CA LEU B 339 -17.55 45.27 7.92
C LEU B 339 -16.03 45.33 7.83
N LEU B 340 -15.52 45.86 6.72
CA LEU B 340 -14.08 46.12 6.56
C LEU B 340 -13.79 47.49 5.92
PA FAD C . 18.81 -18.46 6.33
O1A FAD C . 19.69 -17.96 7.39
O2A FAD C . 17.49 -17.80 6.11
O5B FAD C . 18.57 -20.02 6.50
C5B FAD C . 19.74 -20.77 6.89
C4B FAD C . 19.36 -22.23 7.25
O4B FAD C . 20.52 -23.06 7.35
C3B FAD C . 18.71 -22.29 8.63
O3B FAD C . 17.72 -23.31 8.64
C2B FAD C . 19.87 -22.68 9.52
O2B FAD C . 19.44 -23.24 10.75
C1B FAD C . 20.49 -23.72 8.62
N9A FAD C . 21.82 -24.20 9.02
C8A FAD C . 22.99 -23.53 8.91
N7A FAD C . 24.04 -24.29 9.35
C5A FAD C . 23.53 -25.49 9.71
C6A FAD C . 24.04 -26.76 10.22
N6A FAD C . 25.34 -26.90 10.46
N1A FAD C . 23.17 -27.77 10.50
C2A FAD C . 21.86 -27.63 10.27
N3A FAD C . 21.33 -26.51 9.80
C4A FAD C . 22.07 -25.42 9.50
N1 FAD C . 16.73 -10.08 1.07
C2 FAD C . 15.82 -9.68 0.18
O2 FAD C . 15.79 -10.25 -0.94
N3 FAD C . 14.96 -8.68 0.45
C4 FAD C . 14.95 -8.02 1.62
O4 FAD C . 14.15 -7.11 1.90
C4X FAD C . 15.94 -8.38 2.61
N5 FAD C . 15.99 -7.72 3.78
C5X FAD C . 16.92 -8.09 4.69
C6 FAD C . 16.95 -7.42 5.90
C7 FAD C . 17.87 -7.81 6.85
C7M FAD C . 17.93 -7.09 8.17
C8 FAD C . 18.81 -8.91 6.57
C8M FAD C . 19.83 -9.29 7.60
C9 FAD C . 18.78 -9.59 5.37
C9A FAD C . 17.86 -9.22 4.41
N10 FAD C . 17.80 -9.88 3.17
C10 FAD C . 16.84 -9.47 2.26
C1' FAD C . 18.69 -10.99 2.82
C2' FAD C . 18.04 -12.33 3.22
O2' FAD C . 17.56 -12.36 4.59
C3' FAD C . 19.00 -13.48 2.99
O3' FAD C . 19.66 -13.38 1.72
C4' FAD C . 18.32 -14.84 3.09
O4' FAD C . 17.44 -14.88 4.19
C5' FAD C . 19.32 -15.98 3.25
O5' FAD C . 18.60 -17.21 3.07
P FAD C . 19.28 -18.59 3.50
O1P FAD C . 20.51 -18.66 2.67
O2P FAD C . 18.18 -19.65 3.52
O3P FAD C . 19.78 -18.45 5.00
S SO4 D . 32.43 -19.83 -6.61
O1 SO4 D . 31.22 -18.98 -6.47
O2 SO4 D . 33.20 -19.35 -7.79
O3 SO4 D . 33.32 -19.68 -5.42
O4 SO4 D . 32.03 -21.23 -6.91
PA FAD E . -22.69 14.55 4.57
O1A FAD E . -23.81 13.57 4.40
O2A FAD E . -21.33 13.95 4.86
O5B FAD E . -22.98 15.68 5.68
C5B FAD E . -24.33 16.11 5.79
C4B FAD E . -24.48 16.84 7.10
O4B FAD E . -25.64 17.64 7.10
C3B FAD E . -24.66 15.91 8.28
O3B FAD E . -23.91 16.48 9.35
C2B FAD E . -26.13 15.96 8.59
O2B FAD E . -26.37 15.63 9.95
C1B FAD E . -26.36 17.43 8.30
N9A FAD E . -27.75 17.91 8.12
C8A FAD E . -28.47 17.82 6.99
N7A FAD E . -29.70 18.38 7.14
C5A FAD E . -29.76 18.84 8.40
C6A FAD E . -30.76 19.56 9.18
N6A FAD E . -31.94 19.82 8.60
N1A FAD E . -30.47 19.88 10.47
C2A FAD E . -29.27 19.57 10.98
N3A FAD E . -28.30 18.92 10.30
C4A FAD E . -28.49 18.53 9.03
N1 FAD E . -16.20 11.00 -2.43
C2 FAD E . -14.89 10.98 -2.69
O2 FAD E . -14.36 12.05 -2.99
N3 FAD E . -14.13 9.85 -2.66
C4 FAD E . -14.64 8.63 -2.36
O4 FAD E . -13.93 7.58 -2.31
C4X FAD E . -16.06 8.58 -2.06
N5 FAD E . -16.64 7.40 -1.78
C5X FAD E . -17.96 7.34 -1.51
C6 FAD E . -18.50 6.10 -1.23
C7 FAD E . -19.85 5.99 -0.93
C7M FAD E . -20.47 4.66 -0.59
C8 FAD E . -20.69 7.19 -0.94
C8M FAD E . -22.15 7.01 -0.62
C9 FAD E . -20.15 8.45 -1.25
C9A FAD E . -18.81 8.57 -1.53
N10 FAD E . -18.23 9.80 -1.85
C10 FAD E . -16.84 9.83 -2.13
C1' FAD E . -19.01 11.01 -1.89
C2' FAD E . -18.96 11.65 -0.51
O2' FAD E . -19.20 10.62 0.46
C3' FAD E . -19.99 12.78 -0.44
O3' FAD E . -19.89 13.67 -1.55
C4' FAD E . -19.77 13.59 0.82
O4' FAD E . -19.66 12.70 1.96
C5' FAD E . -20.92 14.54 1.04
O5' FAD E . -20.49 15.44 2.07
P FAD E . -21.56 16.41 2.73
O1P FAD E . -22.15 17.24 1.60
O2P FAD E . -20.88 17.01 3.95
O3P FAD E . -22.76 15.49 3.27
S SO4 F . -5.16 33.06 12.83
O1 SO4 F . -4.77 33.97 13.94
O2 SO4 F . -4.52 33.49 11.56
O3 SO4 F . -6.66 33.14 12.72
O4 SO4 F . -4.70 31.67 13.11
S SO4 G . -15.51 10.50 18.33
O1 SO4 G . -15.28 11.14 17.01
O2 SO4 G . -14.19 10.31 19.00
O3 SO4 G . -16.38 11.37 19.14
O4 SO4 G . -16.21 9.18 18.14
#